data_6VM7
#
_entry.id   6VM7
#
_cell.length_a   68.118
_cell.length_b   94.403
_cell.length_c   143.849
_cell.angle_alpha   90.000
_cell.angle_beta   90.000
_cell.angle_gamma   90.000
#
_symmetry.space_group_name_H-M   'P 21 21 21'
#
loop_
_entity.id
_entity.type
_entity.pdbx_description
1 polymer 'SILv44 T cell receptor alpha chain'
2 polymer 'SILv44 T cell receptor beta chain'
3 polymer 'MHC class I antigen, A-2 alpha chain'
4 polymer Beta-2-microglobulin
5 polymer 'Melanocyte protein PMEL'
6 non-polymer GLYCEROL
7 water water
#
loop_
_entity_poly.entity_id
_entity_poly.type
_entity_poly.pdbx_seq_one_letter_code
_entity_poly.pdbx_strand_id
1 'polypeptide(L)'
;MAQSVSQHNHHVILSEAASLELGCNYSYGGTVNLFWYVQYPGQHLQLLLKYFSGDPLVKGIKGFEAEFIKSKFSFNLRKP
SVQWSDTAEYFCAVNARRNTPLVFGKGTRLSVIANIQNPDPAVYQLRDSKSSDKSVCLFTDFDSQTNVSQSKDSDVYITD
KCVLDMRSMDFKSNSAVAWSNKSDFACANAFNNSIIPEDTFFPSPESS
;
D
2 'polypeptide(L)'
;MGITQSPKYLFRKEGQNVTLSCEQNLNHDAMYWYRQDPGQGLRLIYYSQIVNDFQKGDIAEGYSVSREKKESFPLTVTSA
QKNPTAFYLCASSITLSSYNEQFFGPGTRLTVLEDLKNVFPPEVAVFEPSEAEISHTQKATLVCLATGFYPDHVELSWWV
NGKEVHSGVCTDPQPLKEQPALNDSRYALSSRLRVSATFWQDPRNHFRCQVQFYGLSENDEWTQDRAKPVTQIVSAEAWG
RAD
;
E
3 'polypeptide(L)'
;GSHSMRYFFTSVSRPGRGEPRFIAVGYVDDTQFVRFDSDAASQRMEPRAPWIEQEGPEYWDGETRKVKAHSQTHRVDLGT
LRGYYNQSEAGSHTVQRMYGCDVGSDWRFLRGYHQYAYDGKDYIALKEDLRSWTAADMAAQTTKHKWEAAHVAEQLRAYL
EGTCVEWLRRYLENGKETLQRTDAPKTHMTHHAVSDHEATLRCWALSFYPAEITLTWQRDGEDQTQDTELVETRPAGDGT
FQKWAAVVVPSGQEQRYTCHVQHEGLPKPLTLRWE
;
A
4 'polypeptide(L)'
;MIQRTPKIQVYSRHPAENGKSNFLNCYVSGFHPSDIEVDLLKNGERIEKVEHSDLSFSKDWSFYLLYYTEFTPTEKDEYA
CRVNHVTLSQPKIVKWDRDM
;
B
5 'polypeptide(L)' ITDQVPFSV C
#
loop_
_chem_comp.id
_chem_comp.type
_chem_comp.name
_chem_comp.formula
GOL non-polymer GLYCEROL 'C3 H8 O3'
#
# COMPACT_ATOMS: atom_id res chain seq x y z
N GLN A 3 -14.18 -6.13 35.04
CA GLN A 3 -14.34 -5.11 34.01
C GLN A 3 -14.53 -5.76 32.64
N SER A 4 -15.73 -5.59 32.06
CA SER A 4 -16.07 -6.24 30.82
C SER A 4 -16.86 -5.29 29.93
N VAL A 5 -16.90 -5.63 28.65
CA VAL A 5 -17.66 -4.90 27.65
C VAL A 5 -18.55 -5.89 26.91
N SER A 6 -19.86 -5.63 26.89
CA SER A 6 -20.84 -6.55 26.34
C SER A 6 -21.41 -5.98 25.04
N GLN A 7 -21.21 -6.70 23.94
CA GLN A 7 -21.92 -6.47 22.69
C GLN A 7 -22.92 -7.61 22.52
N HIS A 8 -24.21 -7.27 22.54
CA HIS A 8 -25.25 -8.29 22.69
C HIS A 8 -25.34 -9.19 21.46
N ASN A 9 -25.66 -8.60 20.31
CA ASN A 9 -25.75 -9.37 19.08
C ASN A 9 -24.36 -9.66 18.54
N HIS A 10 -24.10 -10.93 18.22
CA HIS A 10 -22.81 -11.34 17.67
C HIS A 10 -22.81 -11.43 16.15
N HIS A 11 -23.99 -11.46 15.52
CA HIS A 11 -24.08 -11.48 14.07
C HIS A 11 -25.37 -10.79 13.67
N VAL A 12 -25.25 -9.74 12.86
CA VAL A 12 -26.39 -8.95 12.39
C VAL A 12 -26.44 -9.03 10.88
N ILE A 13 -27.60 -9.39 10.34
CA ILE A 13 -27.83 -9.43 8.90
C ILE A 13 -28.85 -8.36 8.56
N LEU A 14 -28.49 -7.47 7.64
CA LEU A 14 -29.36 -6.36 7.26
C LEU A 14 -29.39 -6.23 5.75
N SER A 15 -30.55 -5.80 5.24
CA SER A 15 -30.66 -5.40 3.84
C SER A 15 -30.11 -3.99 3.68
N GLU A 16 -29.71 -3.68 2.44
CA GLU A 16 -29.16 -2.35 2.17
C GLU A 16 -30.21 -1.27 2.41
N ALA A 17 -29.71 -0.09 2.79
CA ALA A 17 -30.48 1.11 3.11
C ALA A 17 -31.28 0.98 4.41
N ALA A 18 -31.09 -0.10 5.16
CA ALA A 18 -31.77 -0.27 6.44
C ALA A 18 -30.97 0.39 7.57
N SER A 19 -31.62 0.55 8.70
CA SER A 19 -31.00 1.19 9.85
C SER A 19 -30.15 0.20 10.63
N LEU A 20 -29.00 0.66 11.10
CA LEU A 20 -28.07 -0.13 11.89
C LEU A 20 -28.09 0.34 13.34
N GLU A 21 -28.05 -0.61 14.27
CA GLU A 21 -28.04 -0.30 15.69
C GLU A 21 -27.26 -1.41 16.39
N LEU A 22 -26.01 -1.13 16.74
CA LEU A 22 -25.15 -2.08 17.44
C LEU A 22 -25.04 -1.66 18.90
N GLY A 23 -25.50 -2.53 19.79
CA GLY A 23 -25.48 -2.21 21.21
C GLY A 23 -24.12 -2.45 21.84
N CYS A 24 -23.83 -1.66 22.87
CA CYS A 24 -22.60 -1.83 23.64
C CYS A 24 -22.85 -1.35 25.06
N ASN A 25 -22.47 -2.18 26.03
CA ASN A 25 -22.55 -1.83 27.44
C ASN A 25 -21.26 -2.24 28.13
N TYR A 26 -20.93 -1.53 29.20
CA TYR A 26 -19.73 -1.80 29.97
C TYR A 26 -20.08 -1.88 31.45
N SER A 27 -19.26 -2.61 32.20
CA SER A 27 -19.51 -2.85 33.60
C SER A 27 -18.78 -1.90 34.55
N TYR A 28 -17.85 -1.09 34.02
CA TYR A 28 -17.13 -0.16 34.89
C TYR A 28 -18.01 1.01 35.28
N GLY A 29 -17.87 1.47 36.52
CA GLY A 29 -18.79 2.44 37.08
C GLY A 29 -18.26 3.86 37.21
N GLY A 30 -17.01 4.08 36.83
CA GLY A 30 -16.41 5.40 36.90
C GLY A 30 -16.36 6.09 35.55
N THR A 31 -15.59 7.18 35.50
CA THR A 31 -15.41 7.91 34.26
C THR A 31 -14.66 7.06 33.24
N VAL A 32 -15.08 7.14 31.98
CA VAL A 32 -14.54 6.29 30.92
C VAL A 32 -14.33 7.09 29.66
N ASN A 33 -13.54 6.52 28.75
CA ASN A 33 -13.48 6.93 27.36
C ASN A 33 -13.85 5.73 26.50
N LEU A 34 -14.57 5.97 25.41
CA LEU A 34 -15.22 4.90 24.66
C LEU A 34 -14.81 4.98 23.20
N PHE A 35 -14.79 3.82 22.54
CA PHE A 35 -14.27 3.68 21.19
C PHE A 35 -15.08 2.66 20.41
N TRP A 36 -15.07 2.83 19.09
CA TRP A 36 -15.59 1.82 18.17
C TRP A 36 -14.52 1.54 17.12
N TYR A 37 -14.15 0.28 16.97
CA TYR A 37 -13.20 -0.16 15.96
C TYR A 37 -13.93 -1.00 14.92
N VAL A 38 -13.49 -0.90 13.67
CA VAL A 38 -14.04 -1.65 12.56
C VAL A 38 -12.92 -2.41 11.88
N GLN A 39 -13.19 -3.68 11.54
CA GLN A 39 -12.24 -4.50 10.81
C GLN A 39 -12.92 -4.99 9.54
N TYR A 40 -12.62 -4.35 8.42
CA TYR A 40 -13.13 -4.80 7.14
C TYR A 40 -12.44 -6.09 6.73
N PRO A 41 -13.12 -6.93 5.93
CA PRO A 41 -12.51 -8.21 5.53
C PRO A 41 -11.21 -7.99 4.76
N GLY A 42 -10.15 -8.63 5.23
CA GLY A 42 -8.85 -8.51 4.61
C GLY A 42 -8.09 -7.25 4.95
N GLN A 43 -8.51 -6.49 5.96
CA GLN A 43 -7.86 -5.26 6.35
C GLN A 43 -7.55 -5.29 7.84
N HIS A 44 -6.77 -4.31 8.29
CA HIS A 44 -6.38 -4.21 9.68
C HIS A 44 -7.43 -3.48 10.50
N LEU A 45 -7.46 -3.79 11.79
CA LEU A 45 -8.39 -3.14 12.71
C LEU A 45 -8.06 -1.65 12.81
N GLN A 46 -9.08 -0.81 12.67
CA GLN A 46 -8.89 0.63 12.65
C GLN A 46 -10.00 1.32 13.44
N LEU A 47 -9.67 2.49 13.98
CA LEU A 47 -10.62 3.24 14.79
C LEU A 47 -11.71 3.85 13.92
N LEU A 48 -12.97 3.59 14.28
CA LEU A 48 -14.10 4.18 13.59
C LEU A 48 -14.47 5.54 14.17
N LEU A 49 -14.70 5.60 15.49
CA LEU A 49 -14.94 6.86 16.18
C LEU A 49 -14.58 6.68 17.64
N LYS A 50 -14.62 7.78 18.39
CA LYS A 50 -14.22 7.76 19.79
C LYS A 50 -14.89 8.90 20.52
N TYR A 51 -15.16 8.68 21.81
CA TYR A 51 -15.61 9.74 22.70
C TYR A 51 -14.41 10.27 23.46
N PHE A 52 -13.96 11.47 23.09
CA PHE A 52 -12.91 12.16 23.82
C PHE A 52 -13.50 12.93 25.00
N SER A 53 -14.40 13.87 24.70
CA SER A 53 -15.12 14.65 25.70
C SER A 53 -16.17 15.49 24.97
N GLY A 54 -17.20 15.91 25.71
CA GLY A 54 -18.18 16.85 25.18
C GLY A 54 -19.51 16.25 24.80
N ASP A 55 -19.93 16.49 23.55
CA ASP A 55 -21.24 16.08 23.06
C ASP A 55 -21.42 14.57 23.15
N PRO A 56 -22.43 14.07 23.86
CA PRO A 56 -22.63 12.60 23.92
C PRO A 56 -22.89 11.98 22.56
N LEU A 57 -23.57 12.71 21.66
CA LEU A 57 -23.82 12.22 20.31
C LEU A 57 -22.56 12.46 19.48
N VAL A 58 -21.79 11.40 19.25
CA VAL A 58 -20.51 11.48 18.58
C VAL A 58 -20.70 11.00 17.14
N LYS A 59 -20.53 11.91 16.19
CA LYS A 59 -20.60 11.56 14.78
C LYS A 59 -19.23 11.10 14.29
N GLY A 60 -19.22 10.13 13.40
CA GLY A 60 -17.98 9.60 12.88
C GLY A 60 -17.93 9.58 11.36
N ILE A 61 -16.97 8.85 10.80
CA ILE A 61 -16.86 8.75 9.35
C ILE A 61 -17.91 7.78 8.82
N LYS A 62 -18.14 7.87 7.50
CA LYS A 62 -19.03 6.96 6.77
C LYS A 62 -20.45 6.98 7.33
N GLY A 63 -20.87 8.10 7.90
CA GLY A 63 -22.23 8.24 8.37
C GLY A 63 -22.54 7.56 9.68
N PHE A 64 -21.52 7.17 10.45
CA PHE A 64 -21.75 6.49 11.71
C PHE A 64 -21.91 7.49 12.84
N GLU A 65 -22.64 7.07 13.88
CA GLU A 65 -22.92 7.90 15.03
C GLU A 65 -23.05 7.01 16.26
N ALA A 66 -22.50 7.48 17.37
CA ALA A 66 -22.59 6.78 18.64
C ALA A 66 -23.12 7.72 19.71
N GLU A 67 -23.88 7.16 20.65
CA GLU A 67 -24.50 7.93 21.73
C GLU A 67 -23.97 7.42 23.06
N PHE A 68 -23.22 8.27 23.76
CA PHE A 68 -22.71 7.94 25.09
C PHE A 68 -23.76 8.31 26.13
N ILE A 69 -24.43 7.30 26.67
CA ILE A 69 -25.40 7.48 27.74
C ILE A 69 -24.70 7.10 29.04
N LYS A 70 -24.23 8.10 29.78
CA LYS A 70 -23.49 7.85 31.00
C LYS A 70 -24.35 7.19 32.06
N SER A 71 -25.64 7.52 32.12
CA SER A 71 -26.51 6.97 33.14
C SER A 71 -26.81 5.49 32.89
N LYS A 72 -26.82 5.07 31.63
CA LYS A 72 -27.12 3.68 31.29
C LYS A 72 -25.91 2.88 30.85
N PHE A 73 -24.72 3.48 30.87
CA PHE A 73 -23.46 2.80 30.56
C PHE A 73 -23.48 2.17 29.16
N SER A 74 -23.98 2.92 28.19
CA SER A 74 -24.11 2.43 26.82
C SER A 74 -23.38 3.34 25.86
N PHE A 75 -22.93 2.76 24.75
CA PHE A 75 -22.25 3.49 23.67
C PHE A 75 -22.72 2.95 22.32
N ASN A 76 -24.04 2.80 22.17
CA ASN A 76 -24.59 2.18 20.98
C ASN A 76 -24.17 2.92 19.72
N LEU A 77 -23.84 2.15 18.68
CA LEU A 77 -23.46 2.68 17.38
C LEU A 77 -24.65 2.60 16.44
N ARG A 78 -24.90 3.67 15.70
CA ARG A 78 -26.03 3.74 14.78
C ARG A 78 -25.59 4.24 13.42
N LYS A 79 -26.37 3.89 12.40
CA LYS A 79 -26.25 4.43 11.06
C LYS A 79 -27.59 4.30 10.35
N PRO A 80 -28.14 5.39 9.83
CA PRO A 80 -29.52 5.33 9.29
C PRO A 80 -29.68 4.46 8.06
N SER A 81 -28.69 4.42 7.16
CA SER A 81 -28.80 3.64 5.92
C SER A 81 -27.48 2.93 5.68
N VAL A 82 -27.45 1.62 5.95
CA VAL A 82 -26.22 0.86 5.76
C VAL A 82 -25.92 0.70 4.28
N GLN A 83 -24.65 0.83 3.93
CA GLN A 83 -24.18 0.52 2.59
C GLN A 83 -23.63 -0.90 2.57
N TRP A 84 -23.46 -1.44 1.36
CA TRP A 84 -22.86 -2.76 1.24
C TRP A 84 -21.42 -2.76 1.73
N SER A 85 -20.70 -1.65 1.56
CA SER A 85 -19.32 -1.54 1.99
C SER A 85 -19.16 -1.50 3.51
N ASP A 86 -20.26 -1.49 4.27
CA ASP A 86 -20.19 -1.53 5.72
C ASP A 86 -20.04 -2.94 6.27
N THR A 87 -20.09 -3.96 5.41
CA THR A 87 -19.93 -5.35 5.85
C THR A 87 -18.56 -5.56 6.46
N ALA A 88 -18.51 -5.75 7.78
CA ALA A 88 -17.25 -5.87 8.50
C ALA A 88 -17.56 -6.33 9.92
N GLU A 89 -16.51 -6.44 10.73
CA GLU A 89 -16.65 -6.72 12.15
C GLU A 89 -16.42 -5.43 12.93
N TYR A 90 -17.31 -5.17 13.90
CA TYR A 90 -17.27 -3.95 14.69
C TYR A 90 -17.01 -4.29 16.15
N PHE A 91 -16.07 -3.57 16.76
CA PHE A 91 -15.64 -3.82 18.13
C PHE A 91 -15.88 -2.58 18.98
N CYS A 92 -16.56 -2.76 20.10
CA CYS A 92 -16.68 -1.72 21.11
C CYS A 92 -15.51 -1.82 22.09
N ALA A 93 -15.08 -0.67 22.59
CA ALA A 93 -13.92 -0.63 23.49
C ALA A 93 -14.10 0.49 24.50
N VAL A 94 -13.76 0.20 25.76
CA VAL A 94 -13.91 1.15 26.86
C VAL A 94 -12.65 1.12 27.71
N ASN A 95 -12.16 2.30 28.08
CA ASN A 95 -11.01 2.45 28.95
C ASN A 95 -11.44 3.14 30.24
N ALA A 96 -10.89 2.67 31.37
CA ALA A 96 -11.39 3.02 32.69
C ALA A 96 -10.57 4.07 33.42
N ARG A 97 -9.52 4.60 32.80
CA ARG A 97 -8.70 5.67 33.40
C ARG A 97 -8.05 5.24 34.71
N ARG A 98 -7.76 3.95 34.86
CA ARG A 98 -7.11 3.42 36.06
C ARG A 98 -5.75 2.82 35.73
N ASN A 99 -5.12 3.31 34.67
CA ASN A 99 -3.87 2.72 34.14
C ASN A 99 -4.04 1.23 33.88
N THR A 100 -5.19 0.86 33.31
CA THR A 100 -5.48 -0.49 32.88
C THR A 100 -5.67 -0.51 31.36
N PRO A 101 -5.32 -1.62 30.70
CA PRO A 101 -5.42 -1.66 29.23
C PRO A 101 -6.85 -1.54 28.76
N LEU A 102 -6.99 -0.99 27.55
CA LEU A 102 -8.29 -0.88 26.90
C LEU A 102 -8.95 -2.25 26.78
N VAL A 103 -10.25 -2.31 27.06
CA VAL A 103 -11.00 -3.56 27.06
C VAL A 103 -11.94 -3.57 25.86
N PHE A 104 -11.84 -4.61 25.04
CA PHE A 104 -12.66 -4.75 23.85
C PHE A 104 -13.83 -5.68 24.12
N GLY A 105 -14.92 -5.46 23.39
CA GLY A 105 -16.02 -6.39 23.38
C GLY A 105 -15.73 -7.59 22.52
N LYS A 106 -16.68 -8.53 22.50
CA LYS A 106 -16.51 -9.73 21.68
C LYS A 106 -16.71 -9.46 20.20
N GLY A 107 -17.27 -8.31 19.84
CA GLY A 107 -17.42 -7.95 18.44
C GLY A 107 -18.74 -8.39 17.85
N THR A 108 -19.17 -7.67 16.81
CA THR A 108 -20.40 -7.97 16.10
C THR A 108 -20.11 -8.00 14.61
N ARG A 109 -20.32 -9.15 13.99
CA ARG A 109 -20.14 -9.28 12.55
C ARG A 109 -21.38 -8.75 11.85
N LEU A 110 -21.18 -7.80 10.94
CA LEU A 110 -22.27 -7.17 10.20
C LEU A 110 -22.25 -7.69 8.76
N SER A 111 -23.35 -8.30 8.35
CA SER A 111 -23.53 -8.78 6.98
C SER A 111 -24.64 -7.97 6.33
N VAL A 112 -24.32 -7.30 5.23
CA VAL A 112 -25.26 -6.45 4.50
C VAL A 112 -25.64 -7.17 3.22
N ILE A 113 -26.93 -7.50 3.09
CA ILE A 113 -27.43 -8.20 1.90
C ILE A 113 -27.36 -7.25 0.71
N ALA A 114 -26.58 -7.63 -0.29
CA ALA A 114 -26.41 -6.78 -1.47
C ALA A 114 -27.71 -6.71 -2.27
N ASN A 115 -28.04 -5.51 -2.73
CA ASN A 115 -29.25 -5.27 -3.50
C ASN A 115 -28.93 -5.40 -4.99
N ILE A 116 -29.51 -6.41 -5.64
CA ILE A 116 -29.35 -6.65 -7.06
C ILE A 116 -30.53 -5.99 -7.77
N GLN A 117 -30.26 -4.90 -8.48
CA GLN A 117 -31.35 -4.13 -9.09
C GLN A 117 -31.91 -4.84 -10.30
N ASN A 118 -31.05 -5.31 -11.20
CA ASN A 118 -31.46 -5.99 -12.44
C ASN A 118 -30.83 -7.37 -12.50
N PRO A 119 -31.44 -8.36 -11.85
CA PRO A 119 -30.90 -9.73 -11.89
C PRO A 119 -31.12 -10.35 -13.27
N ASP A 120 -30.07 -10.98 -13.79
CA ASP A 120 -30.10 -11.61 -15.11
C ASP A 120 -29.32 -12.92 -15.03
N PRO A 121 -29.86 -13.91 -14.32
CA PRO A 121 -29.07 -15.12 -14.03
C PRO A 121 -28.65 -15.85 -15.29
N ALA A 122 -27.38 -16.27 -15.32
CA ALA A 122 -26.81 -16.94 -16.47
C ALA A 122 -25.59 -17.73 -16.05
N VAL A 123 -25.22 -18.71 -16.88
CA VAL A 123 -24.05 -19.54 -16.67
C VAL A 123 -23.19 -19.48 -17.94
N TYR A 124 -21.95 -19.04 -17.80
CA TYR A 124 -21.05 -18.88 -18.92
C TYR A 124 -19.84 -19.80 -18.77
N GLN A 125 -19.20 -20.08 -19.89
CA GLN A 125 -17.98 -20.88 -19.92
C GLN A 125 -16.81 -19.98 -20.31
N LEU A 126 -15.75 -20.01 -19.49
CA LEU A 126 -14.59 -19.15 -19.66
C LEU A 126 -13.37 -20.01 -19.93
N ARG A 127 -12.65 -19.69 -21.00
CA ARG A 127 -11.50 -20.47 -21.42
C ARG A 127 -10.21 -19.91 -20.83
N ASP A 128 -9.23 -20.78 -20.63
CA ASP A 128 -7.93 -20.40 -20.09
C ASP A 128 -7.24 -19.39 -21.00
N SER A 129 -6.53 -18.44 -20.39
CA SER A 129 -5.80 -17.44 -21.16
C SER A 129 -4.52 -18.02 -21.75
N LYS A 130 -3.93 -19.02 -21.10
CA LYS A 130 -2.74 -19.68 -21.63
C LYS A 130 -3.06 -20.66 -22.75
N SER A 131 -4.32 -20.78 -23.14
CA SER A 131 -4.75 -21.68 -24.22
C SER A 131 -4.34 -23.12 -23.93
N SER A 132 -4.83 -23.63 -22.81
CA SER A 132 -4.55 -25.00 -22.39
C SER A 132 -5.79 -25.90 -22.50
N ASP A 133 -6.85 -25.41 -23.13
CA ASP A 133 -8.12 -26.12 -23.30
C ASP A 133 -8.79 -26.42 -21.95
N LYS A 134 -8.34 -25.76 -20.90
CA LYS A 134 -8.96 -25.85 -19.58
C LYS A 134 -9.93 -24.68 -19.41
N SER A 135 -11.08 -24.94 -18.80
CA SER A 135 -12.12 -23.93 -18.67
C SER A 135 -12.80 -24.04 -17.32
N VAL A 136 -13.53 -22.97 -16.97
CA VAL A 136 -14.33 -22.92 -15.76
C VAL A 136 -15.72 -22.39 -16.14
N CYS A 137 -16.68 -22.66 -15.26
CA CYS A 137 -18.06 -22.21 -15.45
C CYS A 137 -18.39 -21.11 -14.44
N LEU A 138 -19.07 -20.08 -14.91
CA LEU A 138 -19.37 -18.90 -14.10
C LEU A 138 -20.88 -18.70 -14.04
N PHE A 139 -21.46 -18.88 -12.86
CA PHE A 139 -22.87 -18.61 -12.60
C PHE A 139 -22.96 -17.23 -11.95
N THR A 140 -23.46 -16.24 -12.69
CA THR A 140 -23.40 -14.86 -12.24
C THR A 140 -24.75 -14.17 -12.47
N ASP A 141 -24.87 -12.98 -11.88
CA ASP A 141 -25.98 -12.05 -12.09
C ASP A 141 -27.31 -12.60 -11.57
N PHE A 142 -27.28 -13.46 -10.56
CA PHE A 142 -28.50 -13.97 -9.95
C PHE A 142 -28.86 -13.15 -8.72
N ASP A 143 -30.05 -13.42 -8.19
CA ASP A 143 -30.56 -12.68 -7.05
C ASP A 143 -29.83 -13.06 -5.77
N SER A 144 -29.79 -12.11 -4.82
CA SER A 144 -29.09 -12.34 -3.56
C SER A 144 -29.79 -13.37 -2.68
N GLN A 145 -31.06 -13.67 -2.94
CA GLN A 145 -31.78 -14.71 -2.23
C GLN A 145 -31.70 -16.06 -2.93
N THR A 146 -30.70 -16.27 -3.78
CA THR A 146 -30.47 -17.54 -4.46
C THR A 146 -29.28 -18.22 -3.82
N ASN A 147 -29.48 -19.46 -3.37
CA ASN A 147 -28.45 -20.22 -2.67
C ASN A 147 -27.64 -21.04 -3.66
N VAL A 148 -26.32 -20.96 -3.56
CA VAL A 148 -25.41 -21.76 -4.37
C VAL A 148 -24.95 -22.92 -3.49
N SER A 149 -25.53 -24.10 -3.71
CA SER A 149 -25.19 -25.25 -2.90
C SER A 149 -23.80 -25.78 -3.27
N GLN A 150 -23.16 -26.42 -2.30
CA GLN A 150 -21.82 -26.96 -2.49
C GLN A 150 -21.83 -28.08 -3.53
N SER A 151 -20.64 -28.51 -3.91
CA SER A 151 -20.51 -29.63 -4.84
C SER A 151 -20.99 -30.93 -4.19
N LYS A 152 -21.61 -31.78 -4.99
CA LYS A 152 -22.05 -33.10 -4.56
C LYS A 152 -21.12 -34.21 -5.06
N ASP A 153 -19.90 -33.85 -5.45
CA ASP A 153 -18.94 -34.81 -5.97
C ASP A 153 -17.54 -34.23 -5.78
N SER A 154 -16.65 -35.02 -5.16
CA SER A 154 -15.32 -34.51 -4.85
C SER A 154 -14.50 -34.19 -6.09
N ASP A 155 -14.88 -34.72 -7.25
CA ASP A 155 -14.22 -34.40 -8.50
C ASP A 155 -14.72 -33.09 -9.11
N VAL A 156 -15.72 -32.47 -8.50
CA VAL A 156 -16.28 -31.20 -8.96
C VAL A 156 -16.08 -30.17 -7.86
N TYR A 157 -15.68 -28.96 -8.25
CA TYR A 157 -15.39 -27.90 -7.30
C TYR A 157 -16.31 -26.72 -7.57
N ILE A 158 -17.07 -26.31 -6.55
CA ILE A 158 -18.00 -25.20 -6.66
C ILE A 158 -17.73 -24.25 -5.50
N THR A 159 -17.45 -22.99 -5.81
CA THR A 159 -17.18 -21.98 -4.79
C THR A 159 -18.50 -21.37 -4.30
N ASP A 160 -18.40 -20.71 -3.14
CA ASP A 160 -19.55 -20.01 -2.59
C ASP A 160 -19.85 -18.76 -3.43
N LYS A 161 -21.01 -18.16 -3.17
CA LYS A 161 -21.40 -16.96 -3.91
C LYS A 161 -20.51 -15.79 -3.50
N CYS A 162 -20.31 -14.88 -4.45
CA CYS A 162 -19.31 -13.82 -4.33
C CYS A 162 -19.89 -12.52 -4.88
N VAL A 163 -19.81 -11.46 -4.10
CA VAL A 163 -20.42 -10.18 -4.44
C VAL A 163 -19.31 -9.19 -4.79
N LEU A 164 -19.29 -8.75 -6.04
CA LEU A 164 -18.39 -7.68 -6.48
C LEU A 164 -19.20 -6.41 -6.72
N ASP A 165 -18.50 -5.28 -6.71
CA ASP A 165 -19.12 -3.97 -6.89
C ASP A 165 -18.29 -3.16 -7.87
N MET A 166 -18.87 -2.88 -9.05
CA MET A 166 -18.25 -1.99 -10.03
C MET A 166 -18.64 -0.57 -9.65
N ARG A 167 -17.80 0.07 -8.82
CA ARG A 167 -18.15 1.38 -8.28
C ARG A 167 -18.32 2.43 -9.37
N SER A 168 -17.57 2.32 -10.47
CA SER A 168 -17.68 3.29 -11.56
C SER A 168 -19.04 3.23 -12.25
N MET A 169 -19.76 2.11 -12.12
CA MET A 169 -21.05 1.95 -12.77
C MET A 169 -22.18 1.73 -11.79
N ASP A 170 -21.91 1.66 -10.49
CA ASP A 170 -22.91 1.42 -9.45
C ASP A 170 -23.68 0.12 -9.75
N PHE A 171 -22.92 -0.96 -9.91
CA PHE A 171 -23.47 -2.25 -10.29
C PHE A 171 -22.87 -3.32 -9.39
N LYS A 172 -23.73 -4.01 -8.65
CA LYS A 172 -23.34 -5.13 -7.81
C LYS A 172 -23.93 -6.42 -8.36
N SER A 173 -23.13 -7.48 -8.38
CA SER A 173 -23.56 -8.75 -8.94
C SER A 173 -22.98 -9.91 -8.13
N ASN A 174 -23.75 -10.98 -8.04
CA ASN A 174 -23.30 -12.23 -7.44
C ASN A 174 -22.64 -13.10 -8.50
N SER A 175 -21.87 -14.08 -8.04
CA SER A 175 -21.21 -15.01 -8.95
C SER A 175 -20.67 -16.20 -8.15
N ALA A 176 -20.50 -17.31 -8.84
CA ALA A 176 -19.89 -18.51 -8.29
C ALA A 176 -19.21 -19.26 -9.42
N VAL A 177 -18.09 -19.91 -9.11
CA VAL A 177 -17.25 -20.56 -10.09
C VAL A 177 -17.31 -22.07 -9.86
N ALA A 178 -17.34 -22.83 -10.96
CA ALA A 178 -17.29 -24.28 -10.91
C ALA A 178 -16.33 -24.80 -11.95
N TRP A 179 -15.63 -25.89 -11.63
CA TRP A 179 -14.71 -26.52 -12.57
C TRP A 179 -14.50 -27.96 -12.13
N SER A 180 -14.09 -28.79 -13.10
CA SER A 180 -13.89 -30.21 -12.84
C SER A 180 -13.00 -30.79 -13.93
N ASN A 181 -12.14 -31.73 -13.55
CA ASN A 181 -11.24 -32.40 -14.48
C ASN A 181 -11.85 -33.67 -15.07
N LYS A 182 -13.16 -33.82 -14.99
CA LYS A 182 -13.83 -34.99 -15.53
C LYS A 182 -14.00 -34.85 -17.04
N SER A 183 -14.65 -35.86 -17.65
CA SER A 183 -14.87 -35.89 -19.09
C SER A 183 -16.25 -35.35 -19.48
N ASP A 184 -17.30 -35.80 -18.80
CA ASP A 184 -18.67 -35.40 -19.09
C ASP A 184 -19.06 -34.10 -18.41
N PHE A 185 -18.13 -33.41 -17.77
CA PHE A 185 -18.47 -32.18 -17.06
C PHE A 185 -18.76 -31.06 -18.05
N ALA A 186 -19.92 -30.42 -17.88
CA ALA A 186 -20.33 -29.32 -18.74
C ALA A 186 -20.95 -28.23 -17.90
N CYS A 187 -20.87 -26.99 -18.39
CA CYS A 187 -21.40 -25.86 -17.65
C CYS A 187 -22.92 -25.90 -17.53
N ALA A 188 -23.60 -26.61 -18.43
CA ALA A 188 -25.05 -26.76 -18.32
C ALA A 188 -25.44 -27.71 -17.19
N ASN A 189 -24.50 -28.49 -16.68
CA ASN A 189 -24.74 -29.41 -15.58
C ASN A 189 -23.98 -29.03 -14.31
N ALA A 190 -23.28 -27.89 -14.33
CA ALA A 190 -22.42 -27.53 -13.20
C ALA A 190 -23.24 -27.11 -11.99
N PHE A 191 -24.16 -26.16 -12.17
CA PHE A 191 -24.91 -25.58 -11.07
C PHE A 191 -26.34 -26.12 -10.99
N ASN A 192 -26.54 -27.38 -11.40
CA ASN A 192 -27.86 -27.99 -11.33
C ASN A 192 -28.28 -28.36 -9.91
N ASN A 193 -27.42 -28.15 -8.93
CA ASN A 193 -27.73 -28.46 -7.54
C ASN A 193 -28.47 -27.34 -6.82
N SER A 194 -28.56 -26.16 -7.43
CA SER A 194 -29.24 -25.03 -6.80
C SER A 194 -30.73 -25.04 -7.11
N ASP A 199 -35.52 -20.02 -16.18
CA ASP A 199 -35.34 -18.57 -16.22
C ASP A 199 -33.88 -18.21 -16.44
N THR A 200 -32.98 -19.07 -15.97
CA THR A 200 -31.55 -18.82 -16.11
C THR A 200 -31.14 -18.90 -17.57
N PHE A 201 -30.29 -17.96 -17.99
CA PHE A 201 -29.85 -17.87 -19.38
C PHE A 201 -28.70 -18.85 -19.62
N PHE A 202 -28.90 -19.77 -20.56
CA PHE A 202 -27.87 -20.73 -20.94
C PHE A 202 -27.52 -20.54 -22.41
N PRO A 203 -26.31 -20.04 -22.73
CA PRO A 203 -25.85 -19.84 -24.11
C PRO A 203 -25.79 -21.15 -24.91
N GLY B 2 4.67 3.30 10.87
CA GLY B 2 3.61 2.62 11.58
C GLY B 2 4.09 1.36 12.27
N ILE B 3 3.17 0.40 12.45
CA ILE B 3 3.47 -0.86 13.12
C ILE B 3 3.74 -1.92 12.07
N THR B 4 4.84 -2.66 12.24
CA THR B 4 5.18 -3.78 11.38
C THR B 4 5.45 -4.99 12.26
N GLN B 5 4.81 -6.11 11.95
CA GLN B 5 5.02 -7.33 12.72
C GLN B 5 5.41 -8.49 11.80
N SER B 6 5.41 -9.70 12.36
CA SER B 6 5.82 -10.88 11.62
C SER B 6 4.92 -11.08 10.39
N PRO B 7 5.39 -11.85 9.41
CA PRO B 7 4.58 -12.08 8.21
C PRO B 7 3.18 -12.57 8.53
N LYS B 8 2.25 -12.30 7.61
CA LYS B 8 0.85 -12.64 7.81
C LYS B 8 0.63 -14.12 8.09
N TYR B 9 1.57 -14.98 7.67
CA TYR B 9 1.44 -16.41 7.89
C TYR B 9 2.79 -16.98 8.32
N LEU B 10 2.73 -18.01 9.16
CA LEU B 10 3.90 -18.69 9.69
C LEU B 10 3.42 -19.96 10.38
N PHE B 11 4.27 -20.99 10.36
CA PHE B 11 3.93 -22.26 10.99
C PHE B 11 5.06 -22.71 11.90
N ARG B 12 4.72 -23.66 12.78
CA ARG B 12 5.65 -24.18 13.78
C ARG B 12 5.50 -25.69 13.84
N LYS B 13 6.49 -26.34 14.46
CA LYS B 13 6.50 -27.77 14.67
C LYS B 13 6.20 -28.09 16.13
N GLU B 14 5.60 -29.26 16.35
CA GLU B 14 5.24 -29.68 17.70
C GLU B 14 6.51 -29.91 18.52
N GLY B 15 6.77 -29.00 19.47
CA GLY B 15 7.99 -29.03 20.25
C GLY B 15 8.93 -27.88 19.97
N GLN B 16 8.57 -26.98 19.07
CA GLN B 16 9.42 -25.86 18.67
C GLN B 16 8.80 -24.54 19.15
N ASN B 17 9.65 -23.63 19.59
CA ASN B 17 9.24 -22.28 19.97
C ASN B 17 9.45 -21.33 18.81
N VAL B 18 8.56 -20.35 18.69
CA VAL B 18 8.65 -19.32 17.67
C VAL B 18 8.55 -17.97 18.34
N THR B 19 9.15 -16.96 17.71
CA THR B 19 9.13 -15.59 18.20
C THR B 19 8.50 -14.70 17.16
N LEU B 20 7.39 -14.06 17.53
CA LEU B 20 6.70 -13.11 16.65
C LEU B 20 7.18 -11.71 16.96
N SER B 21 7.68 -11.02 15.95
CA SER B 21 8.23 -9.68 16.12
C SER B 21 7.12 -8.64 15.96
N CYS B 22 7.34 -7.48 16.58
CA CYS B 22 6.43 -6.34 16.43
C CYS B 22 7.23 -5.07 16.65
N GLU B 23 7.20 -4.17 15.67
CA GLU B 23 7.98 -2.96 15.71
C GLU B 23 7.12 -1.77 15.31
N GLN B 24 7.41 -0.62 15.92
CA GLN B 24 6.75 0.62 15.57
C GLN B 24 7.74 1.77 15.71
N ASN B 25 7.73 2.66 14.72
CA ASN B 25 8.53 3.88 14.76
C ASN B 25 7.68 5.10 15.10
N LEU B 26 6.55 4.90 15.78
CA LEU B 26 5.63 5.97 16.13
C LEU B 26 5.98 6.64 17.45
N ASN B 27 7.13 6.29 18.04
CA ASN B 27 7.57 6.85 19.33
C ASN B 27 6.56 6.59 20.44
N HIS B 28 5.82 5.49 20.33
CA HIS B 28 4.81 5.15 21.33
C HIS B 28 5.44 4.46 22.53
N ASP B 29 4.89 4.74 23.72
CA ASP B 29 5.36 4.07 24.93
C ASP B 29 4.70 2.73 25.13
N ALA B 30 3.40 2.62 24.83
CA ALA B 30 2.62 1.42 25.14
C ALA B 30 2.52 0.52 23.93
N MET B 31 2.71 -0.79 24.15
CA MET B 31 2.56 -1.79 23.11
C MET B 31 1.78 -2.97 23.67
N TYR B 32 1.08 -3.68 22.77
CA TYR B 32 0.14 -4.72 23.19
C TYR B 32 0.25 -5.92 22.27
N TRP B 33 -0.09 -7.09 22.81
CA TRP B 33 -0.21 -8.33 22.04
C TRP B 33 -1.58 -8.94 22.30
N TYR B 34 -2.28 -9.30 21.23
CA TYR B 34 -3.61 -9.90 21.31
C TYR B 34 -3.63 -11.22 20.55
N ARG B 35 -4.58 -12.07 20.92
CA ARG B 35 -4.96 -13.23 20.14
C ARG B 35 -6.44 -13.11 19.80
N GLN B 36 -6.76 -13.10 18.52
CA GLN B 36 -8.14 -12.90 18.06
C GLN B 36 -8.77 -14.27 17.86
N ASP B 37 -9.55 -14.70 18.85
CA ASP B 37 -10.25 -15.97 18.75
C ASP B 37 -11.65 -15.76 18.16
N PRO B 38 -12.08 -16.63 17.24
CA PRO B 38 -13.43 -16.50 16.66
C PRO B 38 -14.49 -16.74 17.72
N GLY B 39 -15.30 -15.72 17.98
CA GLY B 39 -16.34 -15.78 18.98
C GLY B 39 -15.98 -15.08 20.28
N GLN B 40 -14.69 -14.93 20.58
CA GLN B 40 -14.26 -14.28 21.80
C GLN B 40 -13.62 -12.92 21.56
N GLY B 41 -13.42 -12.52 20.31
CA GLY B 41 -12.84 -11.22 20.03
C GLY B 41 -11.37 -11.15 20.41
N LEU B 42 -10.92 -9.94 20.72
CA LEU B 42 -9.53 -9.73 21.08
C LEU B 42 -9.30 -10.08 22.54
N ARG B 43 -8.31 -10.94 22.79
CA ARG B 43 -7.96 -11.37 24.13
C ARG B 43 -6.52 -10.97 24.40
N LEU B 44 -6.31 -10.21 25.48
CA LEU B 44 -5.00 -9.64 25.77
C LEU B 44 -4.06 -10.71 26.32
N ILE B 45 -2.87 -10.80 25.73
CA ILE B 45 -1.85 -11.76 26.14
C ILE B 45 -0.86 -11.06 27.07
N TYR B 46 -0.21 -10.03 26.56
CA TYR B 46 0.74 -9.23 27.30
C TYR B 46 0.61 -7.78 26.85
N TYR B 47 0.91 -6.86 27.76
CA TYR B 47 0.99 -5.45 27.40
C TYR B 47 2.15 -4.80 28.14
N SER B 48 2.69 -3.75 27.52
CA SER B 48 3.87 -3.05 28.02
C SER B 48 3.60 -1.55 27.93
N GLN B 49 3.43 -0.89 29.07
CA GLN B 49 3.13 0.53 29.07
C GLN B 49 4.33 1.39 28.73
N ILE B 50 5.54 0.88 28.94
CA ILE B 50 6.76 1.64 28.68
C ILE B 50 7.91 0.64 28.62
N VAL B 51 9.04 1.07 28.06
CA VAL B 51 10.19 0.19 27.92
C VAL B 51 10.59 -0.36 29.29
N ASN B 52 11.06 -1.61 29.31
CA ASN B 52 11.51 -2.35 30.49
C ASN B 52 10.37 -2.75 31.42
N ASP B 53 9.11 -2.61 31.01
CA ASP B 53 7.97 -2.91 31.87
C ASP B 53 6.90 -3.61 31.04
N PHE B 54 6.49 -4.79 31.48
CA PHE B 54 5.39 -5.50 30.85
C PHE B 54 4.56 -6.21 31.92
N GLN B 55 3.29 -6.44 31.60
CA GLN B 55 2.36 -7.07 32.51
C GLN B 55 1.55 -8.13 31.77
N LYS B 56 1.14 -9.16 32.50
CA LYS B 56 0.37 -10.24 31.92
C LYS B 56 -1.06 -9.79 31.60
N GLY B 57 -1.62 -10.36 30.55
CA GLY B 57 -3.00 -10.15 30.16
C GLY B 57 -3.91 -11.23 30.72
N ASP B 58 -4.92 -11.59 29.93
CA ASP B 58 -5.86 -12.63 30.34
C ASP B 58 -5.41 -14.03 29.96
N ILE B 59 -4.68 -14.18 28.85
CA ILE B 59 -4.27 -15.49 28.37
C ILE B 59 -2.76 -15.57 28.26
N ALA B 60 -2.06 -14.90 29.19
CA ALA B 60 -0.60 -14.89 29.17
C ALA B 60 0.00 -16.27 29.35
N GLU B 61 -0.78 -17.26 29.81
CA GLU B 61 -0.26 -18.59 30.03
C GLU B 61 0.27 -19.19 28.72
N GLY B 62 1.48 -19.72 28.76
CA GLY B 62 2.11 -20.31 27.59
C GLY B 62 2.85 -19.34 26.70
N TYR B 63 2.85 -18.05 27.04
CA TYR B 63 3.51 -17.03 26.22
C TYR B 63 4.57 -16.31 27.03
N SER B 64 5.45 -15.61 26.32
CA SER B 64 6.55 -14.88 26.93
C SER B 64 6.90 -13.69 26.05
N VAL B 65 7.21 -12.55 26.69
CA VAL B 65 7.55 -11.32 25.98
C VAL B 65 8.75 -10.68 26.66
N SER B 66 9.27 -9.65 26.01
CA SER B 66 10.34 -8.83 26.56
C SER B 66 10.27 -7.46 25.91
N ARG B 67 10.61 -6.41 26.68
CA ARG B 67 10.61 -5.04 26.17
C ARG B 67 11.93 -4.40 26.57
N GLU B 68 12.97 -4.63 25.78
CA GLU B 68 14.28 -4.03 26.02
C GLU B 68 14.50 -2.75 25.24
N LYS B 69 13.80 -2.57 24.12
CA LYS B 69 13.84 -1.35 23.34
C LYS B 69 12.43 -0.77 23.25
N LYS B 70 12.37 0.55 23.00
CA LYS B 70 11.09 1.21 22.84
C LYS B 70 10.34 0.70 21.61
N GLU B 71 11.08 0.37 20.54
CA GLU B 71 10.44 0.08 19.26
C GLU B 71 9.91 -1.34 19.17
N SER B 72 10.52 -2.30 19.89
CA SER B 72 10.24 -3.71 19.70
C SER B 72 9.53 -4.31 20.90
N PHE B 73 8.58 -5.21 20.63
CA PHE B 73 7.84 -5.93 21.66
C PHE B 73 7.64 -7.36 21.19
N PRO B 74 8.71 -8.16 21.16
CA PRO B 74 8.59 -9.51 20.61
C PRO B 74 7.78 -10.44 21.48
N LEU B 75 6.92 -11.23 20.84
CA LEU B 75 6.12 -12.25 21.50
C LEU B 75 6.64 -13.62 21.11
N THR B 76 6.98 -14.44 22.10
CA THR B 76 7.43 -15.79 21.87
C THR B 76 6.32 -16.77 22.27
N VAL B 77 6.00 -17.68 21.37
CA VAL B 77 4.99 -18.71 21.59
C VAL B 77 5.72 -20.00 21.94
N THR B 78 5.65 -20.42 23.19
CA THR B 78 6.34 -21.62 23.64
C THR B 78 5.60 -22.87 23.17
N SER B 79 6.26 -24.03 23.34
CA SER B 79 5.65 -25.30 22.98
C SER B 79 4.49 -25.66 23.90
N ALA B 80 4.43 -25.09 25.10
CA ALA B 80 3.31 -25.36 26.00
C ALA B 80 2.00 -24.80 25.43
N GLN B 81 2.08 -23.78 24.58
CA GLN B 81 0.91 -23.27 23.88
C GLN B 81 0.56 -24.24 22.76
N LYS B 82 -0.57 -24.94 22.90
CA LYS B 82 -0.90 -26.01 21.96
C LYS B 82 -2.19 -25.75 21.21
N ASN B 83 -2.38 -24.53 20.71
CA ASN B 83 -3.47 -24.26 19.79
C ASN B 83 -3.02 -24.60 18.37
N PRO B 84 -3.73 -25.47 17.64
CA PRO B 84 -3.30 -25.81 16.28
C PRO B 84 -3.26 -24.62 15.35
N THR B 85 -4.08 -23.60 15.57
CA THR B 85 -4.05 -22.40 14.77
C THR B 85 -4.48 -21.21 15.63
N ALA B 86 -3.85 -20.06 15.39
CA ALA B 86 -4.16 -18.88 16.16
C ALA B 86 -3.77 -17.64 15.35
N PHE B 87 -4.48 -16.55 15.59
CA PHE B 87 -4.26 -15.28 14.91
C PHE B 87 -3.84 -14.25 15.95
N TYR B 88 -2.64 -13.70 15.79
CA TYR B 88 -2.06 -12.79 16.78
C TYR B 88 -1.99 -11.37 16.23
N LEU B 89 -2.38 -10.40 17.07
CA LEU B 89 -2.43 -9.00 16.69
C LEU B 89 -1.57 -8.18 17.64
N CYS B 90 -0.75 -7.31 17.09
CA CYS B 90 0.05 -6.37 17.86
C CYS B 90 -0.51 -4.97 17.73
N ALA B 91 -0.41 -4.19 18.81
CA ALA B 91 -0.93 -2.84 18.83
C ALA B 91 -0.01 -1.95 19.64
N SER B 92 -0.11 -0.65 19.39
CA SER B 92 0.65 0.34 20.14
C SER B 92 -0.21 1.58 20.33
N SER B 93 0.13 2.34 21.37
CA SER B 93 -0.51 3.63 21.64
C SER B 93 0.51 4.54 22.29
N ILE B 94 0.24 5.85 22.22
CA ILE B 94 1.14 6.85 22.78
C ILE B 94 1.46 6.52 24.24
N THR B 95 0.42 6.41 25.06
CA THR B 95 0.55 5.92 26.43
C THR B 95 -0.59 4.95 26.71
N LEU B 96 -0.61 4.43 27.93
CA LEU B 96 -1.74 3.63 28.40
C LEU B 96 -2.96 4.47 28.76
N SER B 97 -2.88 5.79 28.58
CA SER B 97 -3.97 6.67 28.94
C SER B 97 -5.21 6.40 28.09
N SER B 98 -6.38 6.62 28.69
CA SER B 98 -7.65 6.39 28.00
C SER B 98 -7.81 7.26 26.76
N TYR B 99 -7.12 8.41 26.70
CA TYR B 99 -7.26 9.31 25.57
C TYR B 99 -6.52 8.83 24.33
N ASN B 100 -5.70 7.79 24.42
CA ASN B 100 -4.86 7.33 23.33
C ASN B 100 -5.44 6.04 22.77
N GLU B 101 -5.95 6.09 21.54
CA GLU B 101 -6.41 4.88 20.88
C GLU B 101 -5.22 4.02 20.47
N GLN B 102 -5.49 2.75 20.22
CA GLN B 102 -4.46 1.80 19.84
C GLN B 102 -4.40 1.66 18.32
N PHE B 103 -3.19 1.54 17.80
CA PHE B 103 -2.94 1.33 16.37
C PHE B 103 -2.49 -0.11 16.18
N PHE B 104 -3.19 -0.86 15.33
CA PHE B 104 -2.99 -2.28 15.19
C PHE B 104 -2.14 -2.62 13.97
N GLY B 105 -1.28 -3.63 14.11
CA GLY B 105 -0.54 -4.14 12.99
C GLY B 105 -1.40 -5.00 12.09
N PRO B 106 -0.79 -5.50 11.01
CA PRO B 106 -1.55 -6.27 10.03
C PRO B 106 -2.06 -7.60 10.57
N GLY B 107 -1.37 -8.21 11.51
CA GLY B 107 -1.77 -9.48 12.06
C GLY B 107 -0.90 -10.62 11.56
N THR B 108 -0.98 -11.75 12.27
CA THR B 108 -0.18 -12.92 11.95
C THR B 108 -0.95 -14.17 12.35
N ARG B 109 -1.18 -15.06 11.38
CA ARG B 109 -1.78 -16.35 11.66
C ARG B 109 -0.68 -17.38 11.83
N LEU B 110 -0.69 -18.07 12.97
CA LEU B 110 0.33 -19.07 13.31
C LEU B 110 -0.33 -20.43 13.40
N THR B 111 0.03 -21.34 12.51
CA THR B 111 -0.51 -22.69 12.47
C THR B 111 0.57 -23.69 12.87
N VAL B 112 0.12 -24.91 13.18
CA VAL B 112 1.01 -25.99 13.57
C VAL B 112 1.08 -26.96 12.40
N LEU B 113 2.22 -27.00 11.72
CA LEU B 113 2.43 -27.86 10.56
C LEU B 113 3.31 -29.03 11.00
N GLU B 114 2.73 -30.23 11.00
CA GLU B 114 3.42 -31.40 11.53
C GLU B 114 4.51 -31.90 10.58
N ASP B 115 4.22 -31.95 9.28
CA ASP B 115 5.16 -32.46 8.29
C ASP B 115 5.22 -31.50 7.11
N LEU B 116 6.42 -31.00 6.82
CA LEU B 116 6.63 -30.07 5.71
C LEU B 116 6.65 -30.76 4.35
N LYS B 117 6.41 -32.08 4.31
CA LYS B 117 6.44 -32.79 3.04
C LYS B 117 5.34 -32.33 2.10
N ASN B 118 4.19 -31.94 2.64
CA ASN B 118 3.00 -31.66 1.84
C ASN B 118 2.86 -30.18 1.51
N VAL B 119 3.94 -29.40 1.58
CA VAL B 119 3.91 -27.99 1.25
C VAL B 119 4.14 -27.82 -0.25
N PHE B 120 3.22 -27.12 -0.91
CA PHE B 120 3.30 -26.89 -2.35
C PHE B 120 2.92 -25.45 -2.67
N PRO B 121 3.58 -24.83 -3.64
CA PRO B 121 3.15 -23.51 -4.10
C PRO B 121 1.97 -23.64 -5.05
N PRO B 122 1.21 -22.57 -5.26
CA PRO B 122 0.05 -22.66 -6.15
C PRO B 122 0.43 -22.53 -7.62
N GLU B 123 -0.48 -23.03 -8.46
CA GLU B 123 -0.45 -22.76 -9.90
C GLU B 123 -1.58 -21.79 -10.21
N VAL B 124 -1.27 -20.74 -10.96
CA VAL B 124 -2.20 -19.65 -11.22
C VAL B 124 -2.56 -19.64 -12.69
N ALA B 125 -3.85 -19.43 -12.98
CA ALA B 125 -4.34 -19.33 -14.34
C ALA B 125 -5.47 -18.31 -14.39
N VAL B 126 -5.51 -17.53 -15.46
CA VAL B 126 -6.57 -16.56 -15.68
C VAL B 126 -7.46 -17.08 -16.81
N PHE B 127 -8.77 -16.94 -16.63
CA PHE B 127 -9.76 -17.38 -17.61
C PHE B 127 -10.46 -16.16 -18.20
N GLU B 128 -10.42 -16.05 -19.53
CA GLU B 128 -10.89 -14.86 -20.22
C GLU B 128 -12.42 -14.83 -20.28
N PRO B 129 -13.00 -13.63 -20.37
CA PRO B 129 -14.47 -13.54 -20.45
C PRO B 129 -15.00 -14.18 -21.71
N SER B 130 -16.26 -14.62 -21.64
CA SER B 130 -16.92 -15.25 -22.77
C SER B 130 -17.65 -14.21 -23.60
N GLU B 131 -17.77 -14.49 -24.90
CA GLU B 131 -18.50 -13.59 -25.79
C GLU B 131 -20.00 -13.59 -25.48
N ALA B 132 -20.51 -14.67 -24.88
CA ALA B 132 -21.93 -14.72 -24.54
C ALA B 132 -22.27 -13.69 -23.49
N GLU B 133 -21.45 -13.57 -22.45
CA GLU B 133 -21.70 -12.56 -21.42
C GLU B 133 -21.50 -11.16 -21.97
N ILE B 134 -20.49 -10.96 -22.83
CA ILE B 134 -20.23 -9.65 -23.39
C ILE B 134 -21.41 -9.17 -24.22
N SER B 135 -22.01 -10.07 -25.02
CA SER B 135 -23.16 -9.69 -25.82
C SER B 135 -24.43 -9.58 -25.00
N HIS B 136 -24.55 -10.34 -23.91
CA HIS B 136 -25.79 -10.37 -23.14
C HIS B 136 -25.87 -9.22 -22.15
N THR B 137 -24.76 -8.88 -21.49
CA THR B 137 -24.76 -7.90 -20.41
C THR B 137 -23.84 -6.71 -20.66
N GLN B 138 -23.11 -6.69 -21.78
CA GLN B 138 -22.13 -5.63 -22.08
C GLN B 138 -21.09 -5.52 -20.98
N LYS B 139 -20.78 -6.63 -20.32
CA LYS B 139 -19.76 -6.69 -19.28
C LYS B 139 -18.85 -7.88 -19.53
N ALA B 140 -17.70 -7.86 -18.89
CA ALA B 140 -16.69 -8.91 -19.07
C ALA B 140 -16.13 -9.29 -17.71
N THR B 141 -16.24 -10.57 -17.37
CA THR B 141 -15.79 -11.09 -16.09
C THR B 141 -14.55 -11.96 -16.30
N LEU B 142 -13.44 -11.58 -15.68
CA LEU B 142 -12.25 -12.40 -15.65
C LEU B 142 -12.23 -13.22 -14.37
N VAL B 143 -11.80 -14.47 -14.47
CA VAL B 143 -11.74 -15.38 -13.33
C VAL B 143 -10.30 -15.86 -13.17
N CYS B 144 -9.75 -15.68 -11.97
CA CYS B 144 -8.44 -16.18 -11.62
C CYS B 144 -8.57 -17.38 -10.72
N LEU B 145 -7.72 -18.37 -10.94
CA LEU B 145 -7.80 -19.65 -10.23
C LEU B 145 -6.41 -20.05 -9.78
N ALA B 146 -6.22 -20.18 -8.47
CA ALA B 146 -4.99 -20.69 -7.88
C ALA B 146 -5.27 -22.05 -7.27
N THR B 147 -4.48 -23.06 -7.66
CA THR B 147 -4.74 -24.43 -7.28
C THR B 147 -3.48 -25.10 -6.77
N GLY B 148 -3.68 -26.19 -6.02
CA GLY B 148 -2.60 -27.09 -5.66
C GLY B 148 -1.63 -26.58 -4.63
N PHE B 149 -2.03 -25.63 -3.78
CA PHE B 149 -1.15 -25.08 -2.76
C PHE B 149 -1.53 -25.61 -1.39
N TYR B 150 -0.53 -25.67 -0.50
CA TYR B 150 -0.67 -26.07 0.89
C TYR B 150 0.48 -25.48 1.70
N PRO B 151 0.21 -24.88 2.86
CA PRO B 151 -1.13 -24.69 3.43
C PRO B 151 -1.88 -23.54 2.76
N ASP B 152 -3.09 -23.25 3.26
CA ASP B 152 -3.93 -22.20 2.68
C ASP B 152 -3.48 -20.82 3.19
N HIS B 153 -2.26 -20.47 2.80
CA HIS B 153 -1.64 -19.20 3.16
C HIS B 153 -1.31 -18.46 1.86
N VAL B 154 -2.31 -17.76 1.31
CA VAL B 154 -2.17 -17.05 0.05
C VAL B 154 -2.81 -15.68 0.17
N GLU B 155 -2.51 -14.82 -0.80
CA GLU B 155 -3.02 -13.45 -0.82
C GLU B 155 -3.15 -13.04 -2.28
N LEU B 156 -4.38 -12.98 -2.79
CA LEU B 156 -4.63 -12.76 -4.20
C LEU B 156 -4.95 -11.29 -4.46
N SER B 157 -4.41 -10.77 -5.57
CA SER B 157 -4.63 -9.38 -5.95
C SER B 157 -4.68 -9.29 -7.47
N TRP B 158 -5.50 -8.35 -7.96
CA TRP B 158 -5.62 -8.09 -9.38
C TRP B 158 -4.85 -6.82 -9.75
N TRP B 159 -4.24 -6.83 -10.93
CA TRP B 159 -3.45 -5.71 -11.42
C TRP B 159 -3.86 -5.41 -12.86
N VAL B 160 -4.17 -4.13 -13.13
CA VAL B 160 -4.64 -3.70 -14.43
C VAL B 160 -3.75 -2.55 -14.89
N ASN B 161 -2.99 -2.77 -15.97
CA ASN B 161 -2.08 -1.76 -16.52
C ASN B 161 -1.12 -1.23 -15.47
N GLY B 162 -0.58 -2.14 -14.65
CA GLY B 162 0.41 -1.80 -13.66
C GLY B 162 -0.13 -1.30 -12.33
N LYS B 163 -1.44 -1.13 -12.20
CA LYS B 163 -2.06 -0.63 -10.97
C LYS B 163 -2.93 -1.71 -10.35
N GLU B 164 -2.84 -1.85 -9.03
CA GLU B 164 -3.70 -2.78 -8.31
C GLU B 164 -5.12 -2.22 -8.23
N VAL B 165 -6.10 -3.05 -8.61
CA VAL B 165 -7.49 -2.63 -8.71
C VAL B 165 -8.28 -3.30 -7.59
N HIS B 166 -9.32 -2.62 -7.13
CA HIS B 166 -10.17 -3.16 -6.08
C HIS B 166 -11.63 -3.12 -6.52
N SER B 167 -11.97 -2.17 -7.38
CA SER B 167 -13.32 -2.07 -7.90
C SER B 167 -13.66 -3.26 -8.80
N GLY B 168 -14.86 -3.80 -8.62
CA GLY B 168 -15.28 -4.95 -9.41
C GLY B 168 -14.53 -6.22 -9.10
N VAL B 169 -13.93 -6.33 -7.92
CA VAL B 169 -13.15 -7.50 -7.53
C VAL B 169 -13.78 -8.12 -6.30
N CYS B 170 -13.97 -9.44 -6.34
CA CYS B 170 -14.37 -10.20 -5.16
C CYS B 170 -13.64 -11.53 -5.17
N THR B 171 -13.11 -11.91 -4.02
CA THR B 171 -12.33 -13.14 -3.86
C THR B 171 -13.03 -14.04 -2.87
N ASP B 172 -12.94 -15.35 -3.11
CA ASP B 172 -13.53 -16.32 -2.19
C ASP B 172 -13.01 -16.07 -0.78
N PRO B 173 -13.90 -16.00 0.22
CA PRO B 173 -13.43 -15.70 1.59
C PRO B 173 -12.53 -16.78 2.16
N GLN B 174 -12.68 -18.03 1.71
CA GLN B 174 -11.86 -19.14 2.17
C GLN B 174 -11.67 -20.12 1.04
N PRO B 175 -10.48 -20.71 0.90
CA PRO B 175 -10.27 -21.69 -0.16
C PRO B 175 -11.02 -22.98 0.11
N LEU B 176 -11.17 -23.78 -0.94
CA LEU B 176 -11.80 -25.08 -0.84
C LEU B 176 -10.75 -26.18 -1.03
N LYS B 177 -11.09 -27.38 -0.56
CA LYS B 177 -10.15 -28.50 -0.59
C LYS B 177 -10.27 -29.24 -1.91
N GLU B 178 -9.11 -29.51 -2.54
CA GLU B 178 -9.10 -30.28 -3.77
C GLU B 178 -9.42 -31.75 -3.52
N GLN B 179 -9.13 -32.25 -2.31
CA GLN B 179 -9.48 -33.60 -1.91
C GLN B 179 -10.16 -33.50 -0.55
N PRO B 180 -11.46 -33.15 -0.54
CA PRO B 180 -12.10 -32.74 0.72
C PRO B 180 -12.20 -33.84 1.77
N ALA B 181 -11.92 -35.11 1.43
CA ALA B 181 -11.95 -36.18 2.41
C ALA B 181 -10.63 -36.33 3.17
N LEU B 182 -9.58 -35.63 2.77
CA LEU B 182 -8.27 -35.75 3.36
C LEU B 182 -7.97 -34.59 4.29
N ASN B 183 -7.22 -34.88 5.36
CA ASN B 183 -6.86 -33.85 6.34
C ASN B 183 -5.70 -32.98 5.87
N ASP B 184 -4.84 -33.50 5.01
CA ASP B 184 -3.73 -32.74 4.44
C ASP B 184 -3.97 -32.41 2.96
N SER B 185 -5.22 -32.24 2.57
CA SER B 185 -5.55 -31.92 1.20
C SER B 185 -4.96 -30.57 0.80
N ARG B 186 -4.66 -30.42 -0.49
CA ARG B 186 -4.29 -29.13 -1.02
C ARG B 186 -5.55 -28.27 -1.22
N TYR B 187 -5.33 -26.97 -1.40
CA TYR B 187 -6.42 -26.01 -1.48
C TYR B 187 -6.42 -25.32 -2.84
N ALA B 188 -7.58 -24.78 -3.20
CA ALA B 188 -7.76 -23.99 -4.40
C ALA B 188 -8.55 -22.73 -4.06
N LEU B 189 -8.29 -21.66 -4.82
CA LEU B 189 -8.89 -20.37 -4.57
C LEU B 189 -9.23 -19.68 -5.89
N SER B 190 -10.41 -19.09 -5.97
CA SER B 190 -10.85 -18.38 -7.17
C SER B 190 -11.15 -16.92 -6.85
N SER B 191 -11.08 -16.09 -7.89
CA SER B 191 -11.36 -14.66 -7.76
C SER B 191 -11.88 -14.16 -9.09
N ARG B 192 -12.61 -13.04 -9.04
CA ARG B 192 -13.23 -12.48 -10.22
C ARG B 192 -12.93 -10.99 -10.32
N LEU B 193 -12.74 -10.52 -11.55
CA LEU B 193 -12.58 -9.10 -11.86
C LEU B 193 -13.51 -8.78 -13.02
N ARG B 194 -14.59 -8.06 -12.74
CA ARG B 194 -15.57 -7.71 -13.75
C ARG B 194 -15.28 -6.33 -14.30
N VAL B 195 -15.27 -6.21 -15.62
CA VAL B 195 -14.91 -4.98 -16.31
C VAL B 195 -15.84 -4.84 -17.51
N SER B 196 -16.07 -3.59 -17.92
CA SER B 196 -16.98 -3.33 -19.02
C SER B 196 -16.50 -4.00 -20.30
N ALA B 197 -17.45 -4.36 -21.17
CA ALA B 197 -17.10 -4.99 -22.43
C ALA B 197 -16.17 -4.11 -23.25
N THR B 198 -16.37 -2.79 -23.20
CA THR B 198 -15.51 -1.88 -23.95
C THR B 198 -14.07 -1.93 -23.44
N PHE B 199 -13.90 -2.04 -22.12
CA PHE B 199 -12.55 -2.07 -21.57
C PHE B 199 -11.83 -3.36 -21.90
N TRP B 200 -12.54 -4.50 -21.83
CA TRP B 200 -11.90 -5.76 -22.17
C TRP B 200 -11.57 -5.86 -23.65
N GLN B 201 -12.39 -5.26 -24.52
CA GLN B 201 -12.16 -5.35 -25.95
C GLN B 201 -11.04 -4.44 -26.45
N ASP B 202 -10.33 -3.77 -25.54
CA ASP B 202 -9.18 -2.96 -25.92
C ASP B 202 -7.91 -3.81 -25.79
N PRO B 203 -7.17 -4.03 -26.88
CA PRO B 203 -5.97 -4.87 -26.77
C PRO B 203 -4.87 -4.26 -25.92
N ARG B 204 -4.86 -2.94 -25.72
CA ARG B 204 -3.83 -2.31 -24.90
C ARG B 204 -3.96 -2.69 -23.43
N ASN B 205 -5.18 -2.96 -22.97
CA ASN B 205 -5.39 -3.24 -21.56
C ASN B 205 -4.74 -4.56 -21.17
N HIS B 206 -3.89 -4.50 -20.13
CA HIS B 206 -3.11 -5.64 -19.67
C HIS B 206 -3.57 -6.02 -18.27
N PHE B 207 -4.10 -7.24 -18.14
CA PHE B 207 -4.61 -7.74 -16.87
C PHE B 207 -3.63 -8.74 -16.27
N ARG B 208 -3.61 -8.79 -14.94
CA ARG B 208 -2.70 -9.70 -14.24
C ARG B 208 -3.29 -10.08 -12.89
N CYS B 209 -3.24 -11.37 -12.59
CA CYS B 209 -3.65 -11.90 -11.29
C CYS B 209 -2.39 -12.36 -10.55
N GLN B 210 -2.18 -11.82 -9.35
CA GLN B 210 -0.98 -12.08 -8.58
C GLN B 210 -1.35 -12.78 -7.27
N VAL B 211 -0.68 -13.89 -6.99
CA VAL B 211 -0.93 -14.67 -5.79
C VAL B 211 0.37 -14.77 -4.99
N GLN B 212 0.36 -14.20 -3.78
CA GLN B 212 1.49 -14.28 -2.87
C GLN B 212 1.33 -15.52 -2.00
N PHE B 213 2.29 -16.43 -2.08
CA PHE B 213 2.27 -17.68 -1.33
C PHE B 213 3.28 -17.64 -0.19
N TYR B 214 2.86 -18.07 0.99
CA TYR B 214 3.71 -18.12 2.17
C TYR B 214 4.02 -19.58 2.48
N GLY B 215 5.27 -19.98 2.24
CA GLY B 215 5.67 -21.35 2.49
C GLY B 215 6.93 -21.44 3.32
N LEU B 216 7.91 -22.21 2.85
CA LEU B 216 9.18 -22.34 3.54
C LEU B 216 10.04 -21.09 3.32
N SER B 217 10.99 -20.90 4.21
CA SER B 217 11.95 -19.80 4.11
C SER B 217 13.30 -20.33 3.67
N GLU B 218 14.20 -19.41 3.33
CA GLU B 218 15.56 -19.79 2.97
C GLU B 218 16.30 -20.41 4.14
N ASN B 219 15.87 -20.14 5.37
CA ASN B 219 16.49 -20.74 6.55
C ASN B 219 15.99 -22.15 6.82
N ASP B 220 14.99 -22.62 6.08
CA ASP B 220 14.47 -23.97 6.25
C ASP B 220 15.39 -24.98 5.54
N GLU B 221 15.04 -26.26 5.67
CA GLU B 221 15.81 -27.36 5.11
C GLU B 221 14.90 -28.17 4.19
N TRP B 222 15.35 -28.42 2.97
CA TRP B 222 14.59 -29.14 1.96
C TRP B 222 15.41 -30.34 1.50
N THR B 223 14.82 -31.54 1.59
CA THR B 223 15.51 -32.78 1.28
C THR B 223 14.71 -33.65 0.31
N GLN B 224 13.92 -33.02 -0.56
CA GLN B 224 13.07 -33.73 -1.50
C GLN B 224 13.59 -33.55 -2.93
N ASP B 225 12.90 -34.20 -3.86
CA ASP B 225 13.32 -34.19 -5.26
C ASP B 225 12.89 -32.91 -5.97
N ARG B 226 11.65 -32.49 -5.73
CA ARG B 226 11.12 -31.30 -6.40
C ARG B 226 11.75 -30.04 -5.82
N ALA B 227 11.36 -28.90 -6.38
CA ALA B 227 11.90 -27.62 -5.94
C ALA B 227 11.38 -27.25 -4.56
N LYS B 228 12.16 -26.47 -3.84
CA LYS B 228 11.82 -26.05 -2.49
C LYS B 228 10.63 -25.11 -2.52
N PRO B 229 9.49 -25.45 -1.90
CA PRO B 229 8.28 -24.60 -1.95
C PRO B 229 8.40 -23.38 -1.05
N VAL B 230 9.31 -22.47 -1.42
CA VAL B 230 9.58 -21.28 -0.63
C VAL B 230 8.48 -20.24 -0.82
N THR B 231 8.47 -19.22 0.03
CA THR B 231 7.59 -18.08 -0.16
C THR B 231 7.88 -17.42 -1.49
N GLN B 232 6.86 -17.33 -2.34
CA GLN B 232 7.05 -16.84 -3.70
C GLN B 232 5.76 -16.20 -4.19
N ILE B 233 5.83 -15.63 -5.38
CA ILE B 233 4.69 -14.99 -6.04
C ILE B 233 4.49 -15.66 -7.39
N VAL B 234 3.32 -16.26 -7.59
CA VAL B 234 2.95 -16.88 -8.85
C VAL B 234 1.85 -16.03 -9.48
N SER B 235 2.00 -15.74 -10.77
CA SER B 235 1.09 -14.85 -11.47
C SER B 235 0.62 -15.48 -12.78
N ALA B 236 -0.42 -14.86 -13.35
CA ALA B 236 -0.92 -15.21 -14.67
C ALA B 236 -1.52 -13.96 -15.28
N GLU B 237 -1.20 -13.70 -16.54
CA GLU B 237 -1.61 -12.48 -17.22
C GLU B 237 -2.69 -12.76 -18.26
N ALA B 238 -3.21 -11.68 -18.84
CA ALA B 238 -4.20 -11.72 -19.91
C ALA B 238 -4.28 -10.33 -20.52
N TRP B 239 -4.57 -10.29 -21.81
CA TRP B 239 -4.68 -9.03 -22.56
C TRP B 239 -6.05 -8.95 -23.22
N GLY B 240 -6.40 -7.74 -23.66
CA GLY B 240 -7.68 -7.53 -24.29
C GLY B 240 -7.73 -8.10 -25.70
N ARG B 241 -8.94 -8.46 -26.12
CA ARG B 241 -9.18 -9.04 -27.44
C ARG B 241 -10.31 -8.28 -28.10
N ALA B 242 -10.07 -7.79 -29.32
CA ALA B 242 -11.09 -7.06 -30.06
C ALA B 242 -12.12 -8.00 -30.66
N GLY C 1 7.76 3.30 -23.33
CA GLY C 1 6.48 2.75 -22.97
C GLY C 1 5.46 3.80 -22.58
N SER C 2 4.92 3.68 -21.38
CA SER C 2 3.95 4.64 -20.88
C SER C 2 4.65 5.91 -20.41
N HIS C 3 3.90 7.01 -20.36
CA HIS C 3 4.45 8.29 -19.97
C HIS C 3 3.47 9.00 -19.04
N SER C 4 3.96 10.06 -18.40
CA SER C 4 3.16 10.78 -17.42
C SER C 4 3.73 12.18 -17.23
N MET C 5 2.82 13.12 -16.92
CA MET C 5 3.17 14.46 -16.50
C MET C 5 2.56 14.70 -15.13
N ARG C 6 3.36 15.23 -14.20
CA ARG C 6 2.91 15.42 -12.83
C ARG C 6 3.37 16.77 -12.29
N TYR C 7 2.54 17.38 -11.46
CA TYR C 7 2.84 18.64 -10.80
C TYR C 7 2.71 18.46 -9.30
N PHE C 8 3.69 19.00 -8.57
CA PHE C 8 3.76 18.86 -7.12
C PHE C 8 3.75 20.25 -6.49
N PHE C 9 2.92 20.44 -5.46
CA PHE C 9 2.78 21.72 -4.79
C PHE C 9 2.90 21.51 -3.28
N THR C 10 3.73 22.30 -2.63
CA THR C 10 3.92 22.24 -1.18
C THR C 10 3.81 23.65 -0.61
N SER C 11 3.02 23.79 0.45
CA SER C 11 2.88 25.05 1.17
C SER C 11 3.05 24.78 2.66
N VAL C 12 3.94 25.55 3.29
CA VAL C 12 4.26 25.39 4.70
C VAL C 12 3.99 26.71 5.41
N SER C 13 3.08 26.70 6.37
CA SER C 13 2.70 27.92 7.06
C SER C 13 3.80 28.33 8.05
N ARG C 14 4.09 29.64 8.06
CA ARG C 14 4.99 30.23 9.05
C ARG C 14 4.16 31.19 9.90
N PRO C 15 3.51 30.69 10.96
CA PRO C 15 2.57 31.53 11.71
C PRO C 15 3.25 32.77 12.29
N GLY C 16 2.70 33.93 11.96
CA GLY C 16 3.20 35.19 12.46
C GLY C 16 4.34 35.76 11.64
N ARG C 17 5.16 34.88 11.06
CA ARG C 17 6.34 35.34 10.34
C ARG C 17 6.01 35.89 8.96
N GLY C 18 4.91 35.47 8.36
CA GLY C 18 4.51 36.03 7.08
C GLY C 18 3.69 35.01 6.28
N GLU C 19 3.85 35.09 4.96
CA GLU C 19 3.13 34.23 4.02
C GLU C 19 3.79 32.85 3.93
N PRO C 20 3.02 31.82 3.62
CA PRO C 20 3.58 30.46 3.59
C PRO C 20 4.65 30.30 2.52
N ARG C 21 5.62 29.45 2.82
CA ARG C 21 6.61 29.05 1.83
C ARG C 21 5.94 28.12 0.80
N PHE C 22 6.19 28.39 -0.48
CA PHE C 22 5.50 27.70 -1.56
C PHE C 22 6.49 27.24 -2.61
N ILE C 23 6.48 25.94 -2.90
CA ILE C 23 7.37 25.34 -3.88
C ILE C 23 6.54 24.46 -4.82
N ALA C 24 6.69 24.68 -6.12
CA ALA C 24 5.97 23.92 -7.14
C ALA C 24 6.97 23.37 -8.15
N VAL C 25 6.76 22.12 -8.55
CA VAL C 25 7.66 21.42 -9.47
C VAL C 25 6.82 20.63 -10.46
N GLY C 26 7.26 20.60 -11.71
CA GLY C 26 6.59 19.82 -12.76
C GLY C 26 7.53 18.80 -13.37
N TYR C 27 6.98 17.63 -13.64
CA TYR C 27 7.79 16.52 -14.21
C TYR C 27 7.08 15.88 -15.38
N VAL C 28 7.89 15.51 -16.36
CA VAL C 28 7.43 14.61 -17.45
C VAL C 28 8.22 13.34 -17.18
N ASP C 29 7.55 12.25 -16.82
CA ASP C 29 8.22 10.98 -16.44
C ASP C 29 9.14 11.31 -15.28
N ASP C 30 10.43 11.04 -15.43
CA ASP C 30 11.38 11.29 -14.33
C ASP C 30 12.15 12.61 -14.50
N THR C 31 11.70 13.51 -15.37
CA THR C 31 12.49 14.74 -15.59
C THR C 31 11.75 16.00 -15.16
N GLN C 32 12.35 16.81 -14.30
CA GLN C 32 11.79 18.10 -13.91
C GLN C 32 12.04 19.12 -15.02
N PHE C 33 11.01 19.88 -15.38
CA PHE C 33 11.14 20.89 -16.43
C PHE C 33 10.74 22.29 -16.02
N VAL C 34 10.01 22.48 -14.91
CA VAL C 34 9.68 23.80 -14.40
C VAL C 34 9.74 23.79 -12.88
N ARG C 35 9.84 24.98 -12.30
CA ARG C 35 9.87 25.13 -10.85
C ARG C 35 9.37 26.52 -10.48
N PHE C 36 8.86 26.63 -9.26
CA PHE C 36 8.55 27.91 -8.64
C PHE C 36 8.88 27.85 -7.16
N ASP C 37 9.55 28.89 -6.66
CA ASP C 37 9.92 28.98 -5.25
C ASP C 37 9.59 30.36 -4.75
N SER C 38 8.70 30.43 -3.75
CA SER C 38 8.27 31.73 -3.22
C SER C 38 9.40 32.50 -2.57
N ASP C 39 10.48 31.83 -2.17
CA ASP C 39 11.64 32.50 -1.60
C ASP C 39 12.68 32.88 -2.64
N ALA C 40 12.47 32.54 -3.91
CA ALA C 40 13.37 32.97 -4.96
C ALA C 40 13.15 34.45 -5.26
N ALA C 41 14.15 35.07 -5.88
CA ALA C 41 14.08 36.49 -6.17
C ALA C 41 13.26 36.80 -7.41
N SER C 42 13.19 35.86 -8.36
CA SER C 42 12.51 36.15 -9.63
C SER C 42 11.00 36.23 -9.45
N GLN C 43 10.44 35.47 -8.51
CA GLN C 43 8.99 35.38 -8.31
C GLN C 43 8.29 34.93 -9.59
N ARG C 44 8.95 34.08 -10.37
CA ARG C 44 8.41 33.57 -11.62
C ARG C 44 8.68 32.09 -11.71
N MET C 45 7.82 31.38 -12.45
CA MET C 45 8.10 29.99 -12.78
C MET C 45 9.30 29.93 -13.71
N GLU C 46 10.21 28.99 -13.45
CA GLU C 46 11.48 28.97 -14.13
C GLU C 46 11.69 27.64 -14.85
N PRO C 47 12.40 27.65 -15.98
CA PRO C 47 12.65 26.40 -16.70
C PRO C 47 13.69 25.54 -16.00
N ARG C 48 13.57 24.22 -16.21
CA ARG C 48 14.53 23.26 -15.66
C ARG C 48 14.94 22.19 -16.66
N ALA C 49 14.41 22.19 -17.87
CA ALA C 49 14.79 21.25 -18.91
C ALA C 49 15.06 22.01 -20.20
N PRO C 50 15.97 21.53 -21.04
CA PRO C 50 16.31 22.28 -22.26
C PRO C 50 15.16 22.37 -23.26
N TRP C 51 14.27 21.38 -23.30
CA TRP C 51 13.21 21.38 -24.30
C TRP C 51 12.05 22.30 -23.94
N ILE C 52 11.95 22.74 -22.68
CA ILE C 52 10.93 23.73 -22.33
C ILE C 52 11.38 25.15 -22.65
N GLU C 53 12.65 25.34 -23.02
CA GLU C 53 13.16 26.64 -23.44
C GLU C 53 12.54 27.12 -24.75
N GLN C 54 11.85 26.24 -25.48
CA GLN C 54 11.24 26.61 -26.75
C GLN C 54 9.96 27.41 -26.59
N GLU C 55 9.41 27.48 -25.37
CA GLU C 55 8.15 28.18 -25.16
C GLU C 55 8.37 29.69 -25.06
N GLY C 56 7.43 30.44 -25.63
CA GLY C 56 7.54 31.88 -25.67
C GLY C 56 7.22 32.52 -24.35
N PRO C 57 7.39 33.84 -24.27
CA PRO C 57 7.17 34.56 -23.01
C PRO C 57 5.73 34.51 -22.52
N GLU C 58 4.75 34.37 -23.42
CA GLU C 58 3.37 34.26 -22.97
C GLU C 58 3.12 32.95 -22.24
N TYR C 59 3.91 31.90 -22.54
CA TYR C 59 3.84 30.66 -21.78
C TYR C 59 4.22 30.90 -20.32
N TRP C 60 5.33 31.60 -20.10
CA TRP C 60 5.82 31.79 -18.74
C TRP C 60 5.01 32.82 -17.95
N ASP C 61 4.28 33.69 -18.64
CA ASP C 61 3.36 34.59 -17.94
C ASP C 61 2.15 33.81 -17.41
N GLY C 62 1.52 33.02 -18.27
CA GLY C 62 0.38 32.23 -17.84
C GLY C 62 0.73 31.24 -16.76
N GLU C 63 1.89 30.58 -16.88
CA GLU C 63 2.30 29.60 -15.88
C GLU C 63 2.60 30.27 -14.54
N THR C 64 3.20 31.46 -14.57
CA THR C 64 3.50 32.17 -13.34
C THR C 64 2.22 32.59 -12.62
N ARG C 65 1.26 33.14 -13.36
CA ARG C 65 0.02 33.60 -12.75
C ARG C 65 -0.77 32.43 -12.17
N LYS C 66 -0.79 31.29 -12.88
CA LYS C 66 -1.56 30.14 -12.40
C LYS C 66 -0.92 29.52 -11.17
N VAL C 67 0.41 29.42 -11.14
CA VAL C 67 1.07 28.78 -10.01
C VAL C 67 0.99 29.67 -8.77
N LYS C 68 1.00 30.99 -8.95
CA LYS C 68 0.78 31.88 -7.81
C LYS C 68 -0.65 31.76 -7.27
N ALA C 69 -1.62 31.52 -8.15
CA ALA C 69 -2.99 31.31 -7.70
C ALA C 69 -3.11 30.02 -6.91
N HIS C 70 -2.29 29.01 -7.21
CA HIS C 70 -2.27 27.80 -6.40
C HIS C 70 -1.85 28.12 -4.97
N SER C 71 -0.81 28.94 -4.80
CA SER C 71 -0.33 29.27 -3.46
C SER C 71 -1.34 30.11 -2.69
N GLN C 72 -2.13 30.93 -3.39
CA GLN C 72 -3.18 31.69 -2.72
C GLN C 72 -4.23 30.76 -2.14
N THR C 73 -4.67 29.77 -2.92
CA THR C 73 -5.62 28.80 -2.41
C THR C 73 -5.07 28.03 -1.22
N HIS C 74 -3.80 27.62 -1.29
CA HIS C 74 -3.19 26.87 -0.19
C HIS C 74 -3.09 27.72 1.07
N ARG C 75 -2.81 29.02 0.92
CA ARG C 75 -2.75 29.91 2.07
C ARG C 75 -4.08 29.93 2.81
N VAL C 76 -5.19 30.04 2.07
CA VAL C 76 -6.50 30.03 2.69
C VAL C 76 -6.81 28.64 3.26
N ASP C 77 -6.39 27.59 2.56
CA ASP C 77 -6.62 26.23 3.06
C ASP C 77 -5.93 26.02 4.40
N LEU C 78 -4.71 26.53 4.55
CA LEU C 78 -4.00 26.38 5.83
C LEU C 78 -4.80 26.99 6.97
N GLY C 79 -5.42 28.15 6.73
CA GLY C 79 -6.27 28.74 7.75
C GLY C 79 -7.56 27.94 7.96
N THR C 80 -8.15 27.44 6.87
CA THR C 80 -9.38 26.67 6.98
C THR C 80 -9.13 25.35 7.71
N LEU C 81 -8.07 24.65 7.32
CA LEU C 81 -7.79 23.34 7.93
C LEU C 81 -7.42 23.47 9.39
N ARG C 82 -6.78 24.58 9.78
CA ARG C 82 -6.49 24.81 11.19
C ARG C 82 -7.79 24.87 12.00
N GLY C 83 -8.83 25.46 11.44
CA GLY C 83 -10.11 25.51 12.14
C GLY C 83 -10.81 24.15 12.17
N TYR C 84 -10.68 23.37 11.09
CA TYR C 84 -11.35 22.07 11.04
C TYR C 84 -10.81 21.13 12.12
N TYR C 85 -9.52 21.21 12.41
CA TYR C 85 -8.89 20.32 13.38
C TYR C 85 -8.68 20.98 14.74
N ASN C 86 -9.22 22.18 14.94
CA ASN C 86 -9.13 22.89 16.22
C ASN C 86 -7.69 22.99 16.70
N GLN C 87 -6.82 23.48 15.82
CA GLN C 87 -5.40 23.58 16.10
C GLN C 87 -5.03 25.02 16.43
N SER C 88 -3.92 25.15 17.17
CA SER C 88 -3.43 26.47 17.56
C SER C 88 -3.06 27.30 16.34
N GLU C 89 -3.03 28.61 16.53
CA GLU C 89 -2.64 29.53 15.46
C GLU C 89 -1.14 29.68 15.33
N ALA C 90 -0.36 29.11 16.24
CA ALA C 90 1.09 29.28 16.26
C ALA C 90 1.85 28.10 15.66
N GLY C 91 1.20 26.95 15.45
CA GLY C 91 1.88 25.79 14.94
C GLY C 91 2.02 25.84 13.42
N SER C 92 3.15 25.34 12.93
CA SER C 92 3.42 25.28 11.50
C SER C 92 2.85 23.98 10.93
N HIS C 93 2.14 24.09 9.80
CA HIS C 93 1.49 22.95 9.18
C HIS C 93 1.79 22.95 7.68
N THR C 94 1.45 21.83 7.03
CA THR C 94 1.84 21.58 5.65
C THR C 94 0.64 21.17 4.81
N VAL C 95 0.54 21.72 3.60
CA VAL C 95 -0.44 21.31 2.61
C VAL C 95 0.33 20.84 1.38
N GLN C 96 -0.05 19.66 0.86
CA GLN C 96 0.58 19.10 -0.33
C GLN C 96 -0.49 18.74 -1.35
N ARG C 97 -0.22 19.05 -2.61
CA ARG C 97 -1.13 18.73 -3.71
C ARG C 97 -0.34 18.11 -4.86
N MET C 98 -0.93 17.09 -5.49
CA MET C 98 -0.31 16.43 -6.63
C MET C 98 -1.39 16.06 -7.62
N TYR C 99 -1.16 16.37 -8.90
CA TYR C 99 -2.08 15.93 -9.94
C TYR C 99 -1.31 15.74 -11.24
N GLY C 100 -1.93 15.01 -12.16
CA GLY C 100 -1.31 14.75 -13.44
C GLY C 100 -2.07 13.66 -14.18
N CYS C 101 -1.47 13.21 -15.28
CA CYS C 101 -2.11 12.25 -16.17
C CYS C 101 -1.07 11.27 -16.70
N ASP C 102 -1.50 10.03 -16.89
CA ASP C 102 -0.69 8.98 -17.49
C ASP C 102 -1.20 8.67 -18.89
N VAL C 103 -0.28 8.33 -19.79
CA VAL C 103 -0.62 7.87 -21.13
C VAL C 103 0.12 6.56 -21.40
N GLY C 104 -0.46 5.73 -22.25
CA GLY C 104 0.13 4.47 -22.62
C GLY C 104 1.21 4.62 -23.67
N SER C 105 1.69 3.47 -24.15
CA SER C 105 2.75 3.47 -25.16
C SER C 105 2.31 4.12 -26.46
N ASP C 106 1.00 4.20 -26.71
CA ASP C 106 0.46 4.87 -27.89
C ASP C 106 0.06 6.31 -27.59
N TRP C 107 0.47 6.85 -26.44
CA TRP C 107 0.21 8.23 -26.03
C TRP C 107 -1.28 8.53 -25.88
N ARG C 108 -2.11 7.51 -25.74
CA ARG C 108 -3.52 7.71 -25.47
C ARG C 108 -3.74 7.82 -23.96
N PHE C 109 -4.81 8.51 -23.58
CA PHE C 109 -5.11 8.71 -22.17
C PHE C 109 -5.25 7.38 -21.46
N LEU C 110 -4.63 7.28 -20.28
CA LEU C 110 -4.66 6.09 -19.47
C LEU C 110 -5.36 6.31 -18.14
N ARG C 111 -4.97 7.33 -17.38
CA ARG C 111 -5.60 7.63 -16.11
C ARG C 111 -5.21 9.04 -15.67
N GLY C 112 -6.04 9.62 -14.82
CA GLY C 112 -5.74 10.90 -14.21
C GLY C 112 -5.90 10.80 -12.70
N TYR C 113 -5.34 11.81 -12.02
CA TYR C 113 -5.35 11.80 -10.57
C TYR C 113 -5.17 13.21 -10.05
N HIS C 114 -5.69 13.46 -8.85
CA HIS C 114 -5.59 14.76 -8.20
C HIS C 114 -5.75 14.52 -6.70
N GLN C 115 -4.66 14.65 -5.95
CA GLN C 115 -4.62 14.24 -4.56
C GLN C 115 -4.18 15.40 -3.67
N TYR C 116 -4.64 15.38 -2.42
CA TYR C 116 -4.45 16.47 -1.48
C TYR C 116 -4.09 15.89 -0.11
N ALA C 117 -3.14 16.52 0.57
CA ALA C 117 -2.68 16.03 1.85
C ALA C 117 -2.50 17.19 2.83
N TYR C 118 -2.73 16.91 4.10
CA TYR C 118 -2.52 17.85 5.19
C TYR C 118 -1.61 17.20 6.22
N ASP C 119 -0.51 17.89 6.53
CA ASP C 119 0.46 17.41 7.53
C ASP C 119 0.96 16.01 7.20
N GLY C 120 1.14 15.73 5.91
CA GLY C 120 1.73 14.49 5.47
C GLY C 120 0.79 13.30 5.37
N LYS C 121 -0.49 13.47 5.72
CA LYS C 121 -1.46 12.39 5.62
C LYS C 121 -2.49 12.72 4.55
N ASP C 122 -3.04 11.67 3.94
CA ASP C 122 -4.10 11.83 2.96
C ASP C 122 -5.24 12.66 3.54
N TYR C 123 -5.73 13.61 2.75
CA TYR C 123 -6.89 14.40 3.11
C TYR C 123 -8.06 14.11 2.17
N ILE C 124 -7.89 14.35 0.88
CA ILE C 124 -8.93 14.08 -0.11
C ILE C 124 -8.26 13.86 -1.46
N ALA C 125 -8.87 13.02 -2.29
CA ALA C 125 -8.30 12.66 -3.57
C ALA C 125 -9.40 12.29 -4.55
N LEU C 126 -9.18 12.61 -5.82
CA LEU C 126 -10.11 12.26 -6.87
C LEU C 126 -10.01 10.77 -7.19
N LYS C 127 -11.15 10.13 -7.42
CA LYS C 127 -11.17 8.72 -7.77
C LYS C 127 -10.84 8.54 -9.26
N GLU C 128 -10.61 7.29 -9.65
CA GLU C 128 -10.20 7.00 -11.02
C GLU C 128 -11.28 7.38 -12.02
N ASP C 129 -12.55 7.37 -11.61
CA ASP C 129 -13.62 7.81 -12.50
C ASP C 129 -13.60 9.32 -12.74
N LEU C 130 -12.79 10.06 -11.99
CA LEU C 130 -12.67 11.52 -12.14
C LEU C 130 -14.02 12.21 -11.93
N ARG C 131 -14.88 11.61 -11.12
CA ARG C 131 -16.20 12.17 -10.84
C ARG C 131 -16.55 12.21 -9.36
N SER C 132 -15.88 11.43 -8.51
CA SER C 132 -16.17 11.38 -7.09
C SER C 132 -14.88 11.53 -6.30
N TRP C 133 -15.01 11.77 -5.00
CA TRP C 133 -13.88 12.03 -4.13
C TRP C 133 -13.79 10.98 -3.03
N THR C 134 -12.58 10.82 -2.50
CA THR C 134 -12.32 9.96 -1.35
C THR C 134 -11.86 10.84 -0.20
N ALA C 135 -12.70 10.96 0.83
CA ALA C 135 -12.37 11.74 2.02
C ALA C 135 -11.71 10.83 3.04
N ALA C 136 -10.58 11.28 3.58
CA ALA C 136 -9.80 10.43 4.48
C ALA C 136 -10.31 10.47 5.92
N ASP C 137 -10.89 11.58 6.35
CA ASP C 137 -11.40 11.68 7.72
C ASP C 137 -12.67 12.52 7.71
N MET C 138 -13.14 12.86 8.91
CA MET C 138 -14.39 13.59 9.05
C MET C 138 -14.26 15.04 8.62
N ALA C 139 -13.10 15.66 8.86
CA ALA C 139 -12.88 17.03 8.41
C ALA C 139 -12.89 17.12 6.88
N ALA C 140 -12.37 16.09 6.21
CA ALA C 140 -12.34 16.09 4.76
C ALA C 140 -13.70 15.81 4.13
N GLN C 141 -14.64 15.26 4.90
CA GLN C 141 -16.00 15.09 4.37
C GLN C 141 -16.67 16.44 4.12
N THR C 142 -16.32 17.45 4.93
CA THR C 142 -16.83 18.80 4.67
C THR C 142 -16.33 19.32 3.33
N THR C 143 -15.04 19.12 3.04
CA THR C 143 -14.50 19.49 1.73
C THR C 143 -15.16 18.70 0.62
N LYS C 144 -15.36 17.39 0.84
CA LYS C 144 -16.01 16.54 -0.15
C LYS C 144 -17.40 17.07 -0.50
N HIS C 145 -18.20 17.40 0.52
CA HIS C 145 -19.53 17.93 0.28
C HIS C 145 -19.46 19.26 -0.45
N LYS C 146 -18.48 20.10 -0.09
CA LYS C 146 -18.32 21.38 -0.76
C LYS C 146 -17.93 21.20 -2.23
N TRP C 147 -16.99 20.29 -2.51
CA TRP C 147 -16.52 20.11 -3.88
C TRP C 147 -17.51 19.34 -4.73
N GLU C 148 -18.32 18.46 -4.13
CA GLU C 148 -19.34 17.76 -4.90
C GLU C 148 -20.46 18.71 -5.29
N ALA C 149 -20.87 19.60 -4.39
CA ALA C 149 -21.95 20.55 -4.70
C ALA C 149 -21.54 21.56 -5.76
N ALA C 150 -20.24 21.81 -5.93
CA ALA C 150 -19.75 22.78 -6.90
C ALA C 150 -19.33 22.14 -8.22
N HIS C 151 -19.43 20.82 -8.34
CA HIS C 151 -19.06 20.09 -9.55
C HIS C 151 -17.60 20.33 -9.93
N VAL C 152 -16.74 20.39 -8.91
CA VAL C 152 -15.31 20.64 -9.13
C VAL C 152 -14.69 19.54 -9.99
N ALA C 153 -15.14 18.29 -9.79
CA ALA C 153 -14.55 17.18 -10.52
C ALA C 153 -14.73 17.32 -12.03
N GLU C 154 -15.81 17.99 -12.46
CA GLU C 154 -16.03 18.17 -13.90
C GLU C 154 -14.96 19.05 -14.52
N GLN C 155 -14.54 20.10 -13.81
CA GLN C 155 -13.49 20.97 -14.34
C GLN C 155 -12.15 20.26 -14.35
N LEU C 156 -11.84 19.50 -13.29
CA LEU C 156 -10.57 18.79 -13.24
C LEU C 156 -10.52 17.69 -14.30
N ARG C 157 -11.64 17.01 -14.54
CA ARG C 157 -11.67 15.95 -15.54
C ARG C 157 -11.39 16.52 -16.92
N ALA C 158 -11.87 17.73 -17.20
CA ALA C 158 -11.58 18.36 -18.49
C ALA C 158 -10.10 18.65 -18.66
N TYR C 159 -9.41 19.01 -17.57
CA TYR C 159 -7.97 19.25 -17.65
C TYR C 159 -7.21 17.95 -17.76
N LEU C 160 -7.55 16.95 -16.93
CA LEU C 160 -6.77 15.72 -16.88
C LEU C 160 -6.90 14.92 -18.18
N GLU C 161 -8.13 14.69 -18.64
CA GLU C 161 -8.33 13.94 -19.88
C GLU C 161 -8.01 14.77 -21.11
N GLY C 162 -7.95 16.10 -20.99
CA GLY C 162 -7.75 16.97 -22.11
C GLY C 162 -6.40 17.67 -22.10
N THR C 163 -6.39 18.89 -21.58
CA THR C 163 -5.19 19.73 -21.55
C THR C 163 -3.95 18.97 -21.07
N CYS C 164 -4.10 18.18 -20.00
CA CYS C 164 -2.97 17.45 -19.45
C CYS C 164 -2.38 16.50 -20.49
N VAL C 165 -3.24 15.74 -21.18
CA VAL C 165 -2.76 14.79 -22.17
C VAL C 165 -2.18 15.51 -23.38
N GLU C 166 -2.83 16.60 -23.80
CA GLU C 166 -2.39 17.30 -25.00
C GLU C 166 -1.00 17.91 -24.84
N TRP C 167 -0.71 18.49 -23.67
CA TRP C 167 0.60 19.09 -23.46
C TRP C 167 1.67 18.05 -23.14
N LEU C 168 1.27 16.93 -22.52
CA LEU C 168 2.21 15.83 -22.33
C LEU C 168 2.70 15.30 -23.67
N ARG C 169 1.79 15.18 -24.64
CA ARG C 169 2.21 14.77 -25.99
C ARG C 169 3.11 15.82 -26.62
N ARG C 170 2.81 17.10 -26.40
CA ARG C 170 3.67 18.16 -26.94
C ARG C 170 5.06 18.13 -26.31
N TYR C 171 5.13 17.91 -25.00
CA TYR C 171 6.43 17.86 -24.34
C TYR C 171 7.26 16.67 -24.81
N LEU C 172 6.63 15.50 -24.97
CA LEU C 172 7.35 14.34 -25.46
C LEU C 172 7.86 14.54 -26.88
N GLU C 173 7.16 15.33 -27.69
CA GLU C 173 7.62 15.61 -29.05
C GLU C 173 8.75 16.62 -29.05
N ASN C 174 8.65 17.68 -28.23
CA ASN C 174 9.68 18.71 -28.20
C ASN C 174 10.97 18.20 -27.56
N GLY C 175 10.87 17.25 -26.64
CA GLY C 175 12.05 16.72 -25.98
C GLY C 175 12.27 15.25 -26.25
N LYS C 176 11.99 14.81 -27.49
CA LYS C 176 12.10 13.38 -27.81
C LYS C 176 13.53 12.88 -27.71
N GLU C 177 14.52 13.76 -27.88
CA GLU C 177 15.91 13.33 -27.80
C GLU C 177 16.34 13.00 -26.38
N THR C 178 15.62 13.47 -25.38
CA THR C 178 15.92 13.17 -23.99
C THR C 178 14.79 12.45 -23.27
N LEU C 179 13.53 12.81 -23.55
CA LEU C 179 12.41 12.17 -22.88
C LEU C 179 12.16 10.76 -23.42
N GLN C 180 12.21 10.58 -24.73
CA GLN C 180 11.97 9.28 -25.35
C GLN C 180 13.23 8.42 -25.42
N ARG C 181 14.31 8.84 -24.77
CA ARG C 181 15.52 8.04 -24.72
C ARG C 181 15.41 7.00 -23.61
N THR C 182 16.24 5.97 -23.73
CA THR C 182 16.38 4.95 -22.68
C THR C 182 17.86 4.73 -22.46
N ASP C 183 18.37 5.15 -21.30
CA ASP C 183 19.75 4.92 -20.92
C ASP C 183 19.84 3.60 -20.17
N ALA C 184 20.47 2.61 -20.81
CA ALA C 184 20.63 1.32 -20.16
C ALA C 184 21.57 1.44 -18.97
N PRO C 185 21.31 0.72 -17.88
CA PRO C 185 22.20 0.80 -16.71
C PRO C 185 23.57 0.20 -17.00
N LYS C 186 24.61 0.92 -16.62
CA LYS C 186 25.97 0.42 -16.65
C LYS C 186 26.25 -0.23 -15.30
N THR C 187 26.43 -1.55 -15.30
CA THR C 187 26.46 -2.33 -14.08
C THR C 187 27.87 -2.82 -13.77
N HIS C 188 28.11 -3.08 -12.49
CA HIS C 188 29.34 -3.68 -12.01
C HIS C 188 29.10 -4.20 -10.61
N MET C 189 30.03 -5.02 -10.13
CA MET C 189 29.91 -5.63 -8.81
C MET C 189 31.18 -5.40 -8.01
N THR C 190 31.02 -5.26 -6.70
CA THR C 190 32.13 -5.09 -5.78
C THR C 190 32.14 -6.22 -4.76
N HIS C 191 33.31 -6.45 -4.17
CA HIS C 191 33.51 -7.55 -3.23
C HIS C 191 34.33 -7.04 -2.05
N HIS C 192 33.81 -7.27 -0.84
CA HIS C 192 34.50 -6.87 0.38
C HIS C 192 34.23 -7.93 1.44
N ALA C 193 35.29 -8.48 2.02
CA ALA C 193 35.15 -9.53 3.01
C ALA C 193 34.70 -8.92 4.34
N VAL C 194 33.58 -9.41 4.86
CA VAL C 194 33.09 -8.96 6.16
C VAL C 194 33.93 -9.55 7.28
N SER C 195 34.01 -10.87 7.33
CA SER C 195 34.79 -11.58 8.33
C SER C 195 35.55 -12.70 7.63
N ASP C 196 36.13 -13.61 8.42
CA ASP C 196 36.89 -14.72 7.86
C ASP C 196 36.03 -15.67 7.04
N HIS C 197 34.71 -15.67 7.26
CA HIS C 197 33.81 -16.57 6.57
C HIS C 197 32.73 -15.88 5.76
N GLU C 198 32.62 -14.55 5.85
CA GLU C 198 31.58 -13.80 5.16
C GLU C 198 32.20 -12.87 4.13
N ALA C 199 31.41 -12.53 3.11
CA ALA C 199 31.82 -11.58 2.09
C ALA C 199 30.60 -10.82 1.60
N THR C 200 30.80 -9.55 1.24
CA THR C 200 29.74 -8.70 0.74
C THR C 200 29.84 -8.59 -0.77
N LEU C 201 28.78 -8.95 -1.47
CA LEU C 201 28.66 -8.80 -2.91
C LEU C 201 27.64 -7.70 -3.17
N ARG C 202 28.08 -6.57 -3.72
CA ARG C 202 27.21 -5.43 -3.98
C ARG C 202 27.04 -5.28 -5.48
N CYS C 203 25.79 -5.35 -5.94
CA CYS C 203 25.44 -5.25 -7.35
C CYS C 203 25.05 -3.82 -7.66
N TRP C 204 25.78 -3.18 -8.57
CA TRP C 204 25.63 -1.77 -8.85
C TRP C 204 24.91 -1.52 -10.18
N ALA C 205 24.12 -0.44 -10.22
CA ALA C 205 23.46 0.01 -11.43
C ALA C 205 23.59 1.53 -11.49
N LEU C 206 24.27 2.04 -12.52
CA LEU C 206 24.58 3.46 -12.60
C LEU C 206 24.14 4.05 -13.94
N SER C 207 23.77 5.32 -13.89
CA SER C 207 23.52 6.15 -15.07
C SER C 207 22.49 5.53 -16.00
N PHE C 208 21.31 5.24 -15.44
CA PHE C 208 20.20 4.71 -16.22
C PHE C 208 19.01 5.66 -16.17
N TYR C 209 18.16 5.56 -17.19
CA TYR C 209 16.96 6.34 -17.32
C TYR C 209 15.98 5.52 -18.15
N PRO C 210 14.70 5.42 -17.74
CA PRO C 210 14.12 6.04 -16.55
C PRO C 210 14.51 5.36 -15.24
N ALA C 211 13.93 5.83 -14.13
CA ALA C 211 14.36 5.39 -12.81
C ALA C 211 13.88 4.00 -12.46
N GLU C 212 12.82 3.51 -13.12
CA GLU C 212 12.27 2.20 -12.79
C GLU C 212 13.28 1.10 -13.13
N ILE C 213 13.66 0.31 -12.13
CA ILE C 213 14.64 -0.75 -12.30
C ILE C 213 14.37 -1.84 -11.26
N THR C 214 14.87 -3.04 -11.52
CA THR C 214 14.71 -4.17 -10.63
C THR C 214 16.05 -4.88 -10.47
N LEU C 215 16.46 -5.07 -9.21
CA LEU C 215 17.68 -5.81 -8.88
C LEU C 215 17.30 -6.95 -7.95
N THR C 216 17.56 -8.19 -8.39
CA THR C 216 17.23 -9.38 -7.62
C THR C 216 18.45 -10.27 -7.49
N TRP C 217 18.58 -10.90 -6.33
CA TRP C 217 19.65 -11.85 -6.06
C TRP C 217 19.08 -13.27 -6.04
N GLN C 218 19.84 -14.21 -6.60
CA GLN C 218 19.46 -15.61 -6.64
C GLN C 218 20.59 -16.45 -6.09
N ARG C 219 20.23 -17.50 -5.33
CA ARG C 219 21.24 -18.37 -4.73
C ARG C 219 21.69 -19.45 -5.69
N ASP C 220 20.75 -20.26 -6.18
CA ASP C 220 21.02 -21.28 -7.18
C ASP C 220 19.95 -21.24 -8.26
N GLY C 221 19.65 -20.03 -8.73
CA GLY C 221 18.55 -19.80 -9.62
C GLY C 221 17.24 -19.44 -8.95
N GLU C 222 17.12 -19.71 -7.65
CA GLU C 222 15.93 -19.35 -6.90
C GLU C 222 16.15 -18.01 -6.21
N ASP C 223 15.12 -17.18 -6.20
CA ASP C 223 15.23 -15.86 -5.59
C ASP C 223 15.56 -15.98 -4.11
N GLN C 224 16.39 -15.05 -3.64
CA GLN C 224 16.79 -15.00 -2.23
C GLN C 224 16.64 -13.58 -1.72
N THR C 225 16.00 -13.42 -0.56
CA THR C 225 15.84 -12.12 0.08
C THR C 225 16.20 -12.17 1.56
N GLN C 226 17.05 -13.11 1.97
CA GLN C 226 17.36 -13.27 3.39
C GLN C 226 18.29 -12.16 3.88
N ASP C 227 19.49 -12.07 3.29
CA ASP C 227 20.49 -11.09 3.67
C ASP C 227 20.71 -10.07 2.55
N THR C 228 19.64 -9.72 1.83
CA THR C 228 19.73 -8.83 0.68
C THR C 228 19.40 -7.41 1.12
N GLU C 229 20.42 -6.54 1.12
CA GLU C 229 20.23 -5.13 1.41
C GLU C 229 19.98 -4.37 0.11
N LEU C 230 18.97 -3.51 0.12
CA LEU C 230 18.57 -2.77 -1.07
C LEU C 230 18.26 -1.34 -0.67
N VAL C 231 18.90 -0.38 -1.34
CA VAL C 231 18.72 1.02 -1.04
C VAL C 231 17.78 1.65 -2.07
N GLU C 232 17.27 2.82 -1.72
CA GLU C 232 16.36 3.54 -2.59
C GLU C 232 17.07 4.02 -3.85
N THR C 233 16.34 4.02 -4.96
CA THR C 233 16.87 4.58 -6.20
C THR C 233 17.17 6.06 -6.00
N ARG C 234 18.38 6.46 -6.36
CA ARG C 234 18.86 7.81 -6.07
C ARG C 234 19.24 8.53 -7.36
N PRO C 235 19.07 9.85 -7.40
CA PRO C 235 19.47 10.61 -8.60
C PRO C 235 20.97 10.90 -8.61
N ALA C 236 21.55 10.83 -9.81
CA ALA C 236 22.96 11.13 -9.95
C ALA C 236 23.24 12.61 -10.12
N GLY C 237 22.21 13.40 -10.47
CA GLY C 237 22.38 14.83 -10.68
C GLY C 237 22.53 15.26 -12.12
N ASP C 238 22.53 14.31 -13.07
CA ASP C 238 22.68 14.64 -14.49
C ASP C 238 21.50 14.13 -15.31
N GLY C 239 20.38 13.80 -14.66
CA GLY C 239 19.23 13.24 -15.32
C GLY C 239 19.12 11.73 -15.25
N THR C 240 20.16 11.05 -14.76
CA THR C 240 20.16 9.60 -14.61
C THR C 240 20.08 9.22 -13.14
N PHE C 241 19.92 7.92 -12.89
CA PHE C 241 19.69 7.42 -11.55
C PHE C 241 20.69 6.32 -11.21
N GLN C 242 20.78 6.00 -9.92
CA GLN C 242 21.69 5.00 -9.40
C GLN C 242 20.96 4.12 -8.41
N LYS C 243 21.48 2.92 -8.21
CA LYS C 243 20.85 1.91 -7.37
C LYS C 243 21.82 0.76 -7.16
N TRP C 244 21.84 0.20 -5.95
CA TRP C 244 22.63 -1.00 -5.72
C TRP C 244 21.90 -1.93 -4.76
N ALA C 245 22.23 -3.21 -4.86
CA ALA C 245 21.69 -4.27 -4.01
C ALA C 245 22.85 -5.15 -3.56
N ALA C 246 22.90 -5.44 -2.26
CA ALA C 246 24.02 -6.18 -1.67
C ALA C 246 23.50 -7.38 -0.90
N VAL C 247 24.38 -8.37 -0.73
CA VAL C 247 24.06 -9.59 -0.01
C VAL C 247 25.33 -10.10 0.65
N VAL C 248 25.18 -10.68 1.84
CA VAL C 248 26.29 -11.26 2.58
C VAL C 248 26.28 -12.77 2.34
N VAL C 249 27.31 -13.26 1.66
CA VAL C 249 27.38 -14.66 1.25
C VAL C 249 28.52 -15.36 1.98
N PRO C 250 28.45 -16.67 2.20
CA PRO C 250 29.56 -17.38 2.83
C PRO C 250 30.78 -17.39 1.92
N SER C 251 31.94 -17.08 2.49
CA SER C 251 33.17 -16.94 1.72
C SER C 251 33.54 -18.28 1.09
N GLY C 252 33.62 -18.29 -0.24
CA GLY C 252 33.89 -19.50 -1.00
C GLY C 252 32.73 -19.99 -1.84
N GLN C 253 31.55 -19.35 -1.73
CA GLN C 253 30.38 -19.74 -2.51
C GLN C 253 29.86 -18.59 -3.36
N GLU C 254 30.72 -17.63 -3.72
CA GLU C 254 30.27 -16.47 -4.48
C GLU C 254 29.85 -16.83 -5.90
N GLN C 255 30.35 -17.94 -6.45
CA GLN C 255 30.00 -18.32 -7.81
C GLN C 255 28.57 -18.80 -7.95
N ARG C 256 27.87 -19.05 -6.84
CA ARG C 256 26.48 -19.48 -6.92
C ARG C 256 25.54 -18.29 -7.04
N TYR C 257 25.83 -17.19 -6.34
CA TYR C 257 24.95 -16.04 -6.30
C TYR C 257 25.02 -15.26 -7.60
N THR C 258 23.85 -14.84 -8.09
CA THR C 258 23.75 -14.08 -9.33
C THR C 258 22.84 -12.88 -9.12
N CYS C 259 23.18 -11.77 -9.76
CA CYS C 259 22.39 -10.54 -9.72
C CYS C 259 21.71 -10.34 -11.07
N HIS C 260 20.40 -10.10 -11.04
CA HIS C 260 19.61 -9.94 -12.24
C HIS C 260 19.08 -8.51 -12.31
N VAL C 261 19.35 -7.83 -13.43
CA VAL C 261 18.99 -6.45 -13.63
C VAL C 261 17.94 -6.37 -14.73
N GLN C 262 16.80 -5.75 -14.41
CA GLN C 262 15.72 -5.53 -15.36
C GLN C 262 15.50 -4.04 -15.53
N HIS C 263 15.55 -3.57 -16.77
CA HIS C 263 15.38 -2.16 -17.06
C HIS C 263 14.81 -2.00 -18.47
N GLU C 264 14.08 -0.90 -18.68
CA GLU C 264 13.46 -0.66 -19.97
C GLU C 264 14.49 -0.50 -21.09
N GLY C 265 15.66 0.02 -20.75
CA GLY C 265 16.72 0.23 -21.72
C GLY C 265 17.55 -0.98 -22.07
N LEU C 266 17.27 -2.14 -21.47
CA LEU C 266 18.04 -3.36 -21.74
C LEU C 266 17.26 -4.24 -22.71
N PRO C 267 17.82 -4.56 -23.88
CA PRO C 267 17.14 -5.52 -24.76
C PRO C 267 17.09 -6.92 -24.15
N LYS C 268 18.01 -7.25 -23.25
CA LYS C 268 18.06 -8.52 -22.56
C LYS C 268 18.27 -8.27 -21.07
N PRO C 269 17.70 -9.10 -20.20
CA PRO C 269 17.98 -8.98 -18.77
C PRO C 269 19.42 -9.34 -18.46
N LEU C 270 20.12 -8.44 -17.78
CA LEU C 270 21.51 -8.67 -17.44
C LEU C 270 21.65 -9.65 -16.28
N THR C 271 22.72 -10.44 -16.31
CA THR C 271 23.05 -11.37 -15.25
C THR C 271 24.46 -11.10 -14.78
N LEU C 272 24.62 -10.81 -13.49
CA LEU C 272 25.92 -10.51 -12.90
C LEU C 272 26.32 -11.62 -11.93
N ARG C 273 27.60 -11.98 -11.97
CA ARG C 273 28.14 -13.04 -11.13
C ARG C 273 29.57 -12.67 -10.76
N TRP C 274 29.94 -12.91 -9.50
CA TRP C 274 31.31 -12.68 -9.06
C TRP C 274 32.11 -13.95 -9.33
N GLU C 275 32.77 -13.96 -10.48
CA GLU C 275 33.57 -15.09 -11.01
C GLU C 275 32.97 -16.48 -10.76
N MET D 1 -0.08 14.56 13.96
CA MET D 1 1.12 14.99 13.27
C MET D 1 2.10 13.85 13.10
N ILE D 2 2.31 13.43 11.86
CA ILE D 2 3.24 12.35 11.54
C ILE D 2 4.62 12.95 11.31
N GLN D 3 5.65 12.22 11.74
CA GLN D 3 7.03 12.64 11.57
C GLN D 3 7.84 11.48 11.02
N ARG D 4 8.63 11.74 9.99
CA ARG D 4 9.44 10.72 9.33
C ARG D 4 10.91 11.14 9.36
N THR D 5 11.76 10.23 9.82
CA THR D 5 13.19 10.48 9.82
C THR D 5 13.74 10.39 8.39
N PRO D 6 14.59 11.32 7.98
CA PRO D 6 15.14 11.25 6.63
C PRO D 6 16.10 10.08 6.46
N LYS D 7 16.12 9.53 5.25
CA LYS D 7 17.11 8.55 4.83
C LYS D 7 18.21 9.28 4.06
N ILE D 8 19.46 9.03 4.44
CA ILE D 8 20.60 9.79 3.94
C ILE D 8 21.49 8.87 3.10
N GLN D 9 21.87 9.35 1.93
CA GLN D 9 22.84 8.68 1.07
C GLN D 9 23.83 9.71 0.56
N VAL D 10 25.13 9.44 0.74
CA VAL D 10 26.20 10.29 0.24
C VAL D 10 26.98 9.49 -0.79
N TYR D 11 27.22 10.10 -1.94
CA TYR D 11 27.77 9.39 -3.10
C TYR D 11 28.17 10.41 -4.15
N SER D 12 28.96 9.96 -5.11
CA SER D 12 29.39 10.82 -6.21
C SER D 12 28.57 10.54 -7.47
N ARG D 13 28.52 11.53 -8.35
CA ARG D 13 27.78 11.38 -9.59
C ARG D 13 28.36 10.28 -10.46
N HIS D 14 29.69 10.21 -10.55
CA HIS D 14 30.40 9.22 -11.33
C HIS D 14 31.31 8.42 -10.41
N PRO D 15 31.79 7.26 -10.86
CA PRO D 15 32.80 6.54 -10.09
C PRO D 15 34.02 7.42 -9.81
N ALA D 16 34.43 7.43 -8.55
CA ALA D 16 35.45 8.38 -8.11
C ALA D 16 36.83 7.96 -8.59
N GLU D 17 37.57 8.92 -9.14
CA GLU D 17 38.98 8.76 -9.49
C GLU D 17 39.75 9.98 -9.01
N ASN D 18 40.90 9.75 -8.40
CA ASN D 18 41.68 10.84 -7.82
C ASN D 18 42.21 11.75 -8.92
N GLY D 19 41.96 13.05 -8.77
CA GLY D 19 42.40 14.03 -9.75
C GLY D 19 41.42 14.32 -10.85
N LYS D 20 40.22 13.74 -10.82
CA LYS D 20 39.21 13.92 -11.85
C LYS D 20 38.01 14.64 -11.26
N SER D 21 37.54 15.67 -11.94
CA SER D 21 36.41 16.45 -11.45
C SER D 21 35.16 15.57 -11.36
N ASN D 22 34.35 15.82 -10.34
CA ASN D 22 33.17 15.02 -10.06
C ASN D 22 32.19 15.87 -9.27
N PHE D 23 31.07 15.25 -8.87
CA PHE D 23 30.07 15.91 -8.04
C PHE D 23 29.79 15.04 -6.83
N LEU D 24 29.77 15.66 -5.65
CA LEU D 24 29.44 14.99 -4.41
C LEU D 24 27.97 15.23 -4.09
N ASN D 25 27.19 14.16 -4.04
CA ASN D 25 25.75 14.24 -3.82
C ASN D 25 25.41 13.78 -2.41
N CYS D 26 24.43 14.44 -1.80
CA CYS D 26 23.81 13.98 -0.56
C CYS D 26 22.30 13.94 -0.79
N TYR D 27 21.74 12.75 -0.79
CA TYR D 27 20.33 12.54 -1.09
C TYR D 27 19.59 12.23 0.21
N VAL D 28 18.65 13.09 0.57
CA VAL D 28 17.78 12.89 1.72
C VAL D 28 16.37 12.65 1.22
N SER D 29 15.69 11.67 1.81
CA SER D 29 14.38 11.28 1.33
C SER D 29 13.57 10.66 2.46
N GLY D 30 12.27 10.54 2.22
CA GLY D 30 11.37 9.90 3.17
C GLY D 30 11.20 10.62 4.48
N PHE D 31 11.25 11.95 4.50
CA PHE D 31 11.13 12.70 5.73
C PHE D 31 9.92 13.62 5.70
N HIS D 32 9.50 14.03 6.89
CA HIS D 32 8.40 14.96 7.09
C HIS D 32 8.51 15.55 8.48
N PRO D 33 8.37 16.88 8.64
CA PRO D 33 8.05 17.85 7.59
C PRO D 33 9.23 18.19 6.69
N SER D 34 9.00 19.11 5.74
CA SER D 34 9.99 19.45 4.73
C SER D 34 11.15 20.28 5.29
N ASP D 35 11.03 20.78 6.51
CA ASP D 35 12.08 21.59 7.12
C ASP D 35 13.29 20.71 7.44
N ILE D 36 14.40 20.97 6.76
CA ILE D 36 15.59 20.13 6.92
C ILE D 36 16.82 20.98 6.63
N GLU D 37 17.92 20.64 7.29
CA GLU D 37 19.21 21.29 7.10
C GLU D 37 20.23 20.26 6.67
N VAL D 38 20.89 20.51 5.53
CA VAL D 38 21.85 19.57 4.95
C VAL D 38 23.11 20.34 4.58
N ASP D 39 24.26 19.81 4.97
CA ASP D 39 25.55 20.40 4.66
C ASP D 39 26.51 19.33 4.17
N LEU D 40 27.35 19.69 3.21
CA LEU D 40 28.41 18.81 2.73
C LEU D 40 29.74 19.25 3.32
N LEU D 41 30.44 18.31 3.95
CA LEU D 41 31.64 18.61 4.70
C LEU D 41 32.87 18.08 3.96
N LYS D 42 33.95 18.84 4.00
CA LYS D 42 35.26 18.42 3.51
C LYS D 42 36.25 18.52 4.67
N ASN D 43 36.70 17.37 5.17
CA ASN D 43 37.62 17.30 6.30
C ASN D 43 37.05 18.01 7.53
N GLY D 44 35.73 17.93 7.69
CA GLY D 44 35.06 18.44 8.86
C GLY D 44 34.51 19.85 8.71
N GLU D 45 34.92 20.59 7.68
CA GLU D 45 34.45 21.94 7.47
C GLU D 45 33.40 21.98 6.36
N ARG D 46 32.44 22.88 6.50
CA ARG D 46 31.34 22.97 5.55
C ARG D 46 31.82 23.53 4.22
N ILE D 47 31.26 23.01 3.14
CA ILE D 47 31.54 23.49 1.79
C ILE D 47 30.61 24.66 1.48
N GLU D 48 31.17 25.74 0.95
CA GLU D 48 30.42 26.98 0.79
C GLU D 48 29.35 26.86 -0.30
N LYS D 49 29.76 26.61 -1.54
CA LYS D 49 28.84 26.61 -2.67
C LYS D 49 28.24 25.22 -2.82
N VAL D 50 27.10 25.00 -2.16
CA VAL D 50 26.37 23.74 -2.23
C VAL D 50 24.97 24.06 -2.73
N GLU D 51 24.66 23.58 -3.93
CA GLU D 51 23.34 23.75 -4.51
C GLU D 51 22.44 22.58 -4.10
N HIS D 52 21.13 22.76 -4.32
CA HIS D 52 20.17 21.75 -3.96
C HIS D 52 19.02 21.76 -4.95
N SER D 53 18.36 20.60 -5.07
CA SER D 53 17.24 20.45 -5.99
C SER D 53 15.99 21.11 -5.43
N ASP D 54 14.95 21.16 -6.26
CA ASP D 54 13.67 21.73 -5.84
C ASP D 54 12.86 20.70 -5.09
N LEU D 55 12.21 21.14 -4.02
CA LEU D 55 11.52 20.23 -3.12
C LEU D 55 10.39 19.49 -3.82
N SER D 56 10.39 18.16 -3.67
CA SER D 56 9.34 17.30 -4.20
C SER D 56 9.02 16.25 -3.15
N PHE D 57 8.00 15.44 -3.42
CA PHE D 57 7.58 14.41 -2.47
C PHE D 57 7.13 13.17 -3.23
N SER D 58 7.04 12.07 -2.48
CA SER D 58 6.73 10.76 -3.03
C SER D 58 5.25 10.44 -2.84
N LYS D 59 4.88 9.20 -3.19
CA LYS D 59 3.48 8.78 -3.12
C LYS D 59 2.96 8.83 -1.68
N ASP D 60 3.79 8.48 -0.71
CA ASP D 60 3.39 8.53 0.69
C ASP D 60 3.52 9.94 1.28
N TRP D 61 3.69 10.96 0.42
CA TRP D 61 3.80 12.38 0.76
C TRP D 61 5.11 12.74 1.44
N SER D 62 6.05 11.82 1.59
CA SER D 62 7.33 12.14 2.20
C SER D 62 8.23 12.87 1.21
N PHE D 63 9.01 13.83 1.72
CA PHE D 63 9.80 14.70 0.87
C PHE D 63 11.14 14.06 0.52
N TYR D 64 11.79 14.62 -0.51
CA TYR D 64 13.14 14.22 -0.88
C TYR D 64 13.84 15.41 -1.53
N LEU D 65 15.15 15.48 -1.32
CA LEU D 65 15.98 16.58 -1.83
C LEU D 65 17.35 16.03 -2.21
N LEU D 66 18.02 16.73 -3.13
CA LEU D 66 19.37 16.37 -3.55
C LEU D 66 20.28 17.58 -3.37
N TYR D 67 21.26 17.46 -2.50
CA TYR D 67 22.30 18.47 -2.33
C TYR D 67 23.56 18.01 -3.04
N TYR D 68 24.21 18.92 -3.76
CA TYR D 68 25.35 18.55 -4.58
C TYR D 68 26.31 19.72 -4.70
N THR D 69 27.56 19.40 -4.99
CA THR D 69 28.59 20.39 -5.25
C THR D 69 29.68 19.75 -6.10
N GLU D 70 30.38 20.58 -6.86
CA GLU D 70 31.48 20.10 -7.68
C GLU D 70 32.73 19.95 -6.83
N PHE D 71 33.48 18.89 -7.06
CA PHE D 71 34.67 18.62 -6.28
C PHE D 71 35.58 17.66 -7.03
N THR D 72 36.85 17.63 -6.61
CA THR D 72 37.83 16.69 -7.15
C THR D 72 38.36 15.83 -6.01
N PRO D 73 38.06 14.54 -5.97
CA PRO D 73 38.50 13.72 -4.85
C PRO D 73 40.01 13.49 -4.87
N THR D 74 40.58 13.33 -3.68
CA THR D 74 41.98 13.01 -3.49
C THR D 74 42.09 11.84 -2.52
N GLU D 75 43.33 11.37 -2.31
CA GLU D 75 43.54 10.26 -1.40
C GLU D 75 43.33 10.66 0.05
N LYS D 76 43.57 11.93 0.38
CA LYS D 76 43.58 12.37 1.77
C LYS D 76 42.23 12.89 2.24
N ASP D 77 41.53 13.65 1.40
CA ASP D 77 40.33 14.37 1.83
C ASP D 77 39.19 13.41 2.12
N GLU D 78 38.59 13.56 3.30
CA GLU D 78 37.39 12.82 3.69
C GLU D 78 36.17 13.71 3.55
N TYR D 79 35.11 13.17 2.96
CA TYR D 79 33.89 13.92 2.74
C TYR D 79 32.74 13.27 3.51
N ALA D 80 31.75 14.08 3.86
CA ALA D 80 30.63 13.60 4.65
C ALA D 80 29.44 14.52 4.43
N CYS D 81 28.28 14.08 4.87
CA CYS D 81 27.05 14.86 4.81
C CYS D 81 26.51 15.04 6.23
N ARG D 82 26.08 16.26 6.53
CA ARG D 82 25.55 16.61 7.85
C ARG D 82 24.09 17.00 7.69
N VAL D 83 23.20 16.29 8.38
CA VAL D 83 21.76 16.46 8.22
C VAL D 83 21.13 16.70 9.59
N ASN D 84 20.33 17.76 9.70
CA ASN D 84 19.57 18.04 10.91
C ASN D 84 18.08 18.10 10.56
N HIS D 85 17.27 17.46 11.38
CA HIS D 85 15.84 17.37 11.15
C HIS D 85 15.14 17.27 12.49
N VAL D 86 13.87 17.66 12.53
CA VAL D 86 13.11 17.69 13.76
C VAL D 86 12.92 16.31 14.37
N THR D 87 13.19 15.25 13.60
CA THR D 87 13.11 13.88 14.10
C THR D 87 14.43 13.38 14.64
N LEU D 88 15.46 14.22 14.68
CA LEU D 88 16.79 13.83 15.16
C LEU D 88 17.12 14.63 16.42
N SER D 89 17.49 13.91 17.48
CA SER D 89 17.91 14.57 18.71
C SER D 89 19.25 15.28 18.57
N GLN D 90 20.06 14.89 17.59
CA GLN D 90 21.33 15.50 17.31
C GLN D 90 21.61 15.37 15.82
N PRO D 91 22.42 16.26 15.25
CA PRO D 91 22.73 16.17 13.81
C PRO D 91 23.41 14.85 13.47
N LYS D 92 23.04 14.28 12.33
CA LYS D 92 23.56 13.00 11.88
C LYS D 92 24.64 13.21 10.83
N ILE D 93 25.80 12.58 11.03
CA ILE D 93 26.92 12.65 10.10
C ILE D 93 27.03 11.32 9.37
N VAL D 94 27.04 11.38 8.05
CA VAL D 94 27.20 10.19 7.21
C VAL D 94 28.41 10.42 6.32
N LYS D 95 29.46 9.63 6.52
CA LYS D 95 30.69 9.77 5.75
C LYS D 95 30.56 9.15 4.37
N TRP D 96 31.28 9.71 3.42
CA TRP D 96 31.35 9.16 2.06
C TRP D 96 32.34 8.00 2.05
N ASP D 97 31.84 6.79 1.81
CA ASP D 97 32.68 5.61 1.69
C ASP D 97 33.12 5.47 0.24
N ARG D 98 34.43 5.59 0.00
CA ARG D 98 34.95 5.61 -1.36
C ARG D 98 35.01 4.24 -2.02
N ASP D 99 34.89 3.16 -1.26
CA ASP D 99 34.86 1.80 -1.82
C ASP D 99 33.71 1.03 -1.17
N MET D 100 32.53 1.13 -1.79
CA MET D 100 31.36 0.39 -1.33
C MET D 100 31.24 -0.93 -2.10
N ILE E 1 1.47 22.06 -19.09
CA ILE E 1 1.08 23.24 -18.33
C ILE E 1 0.27 22.85 -17.11
N THR E 2 0.26 23.73 -16.11
CA THR E 2 -0.51 23.49 -14.90
C THR E 2 -2.00 23.64 -15.17
N ASP E 3 -2.80 23.11 -14.25
CA ASP E 3 -4.22 23.41 -14.26
C ASP E 3 -4.46 24.83 -13.75
N GLN E 4 -5.70 25.27 -13.82
CA GLN E 4 -6.04 26.61 -13.35
C GLN E 4 -6.21 26.61 -11.84
N VAL E 5 -6.59 27.76 -11.31
CA VAL E 5 -6.65 27.96 -9.85
C VAL E 5 -7.62 26.95 -9.24
N PRO E 6 -7.21 26.20 -8.22
CA PRO E 6 -8.13 25.23 -7.61
C PRO E 6 -9.08 25.87 -6.60
N PHE E 7 -10.15 25.14 -6.33
CA PHE E 7 -11.16 25.55 -5.37
C PHE E 7 -10.66 25.31 -3.95
N SER E 8 -10.91 26.25 -3.05
CA SER E 8 -10.43 26.13 -1.69
C SER E 8 -11.15 25.01 -0.95
N VAL E 9 -10.47 24.44 0.03
CA VAL E 9 -11.01 23.33 0.81
C VAL E 9 -12.09 23.82 1.77
C1 GOL F . -21.19 15.22 -11.27
O1 GOL F . -21.75 14.05 -11.83
C2 GOL F . -19.70 15.30 -11.63
O2 GOL F . -19.56 15.59 -12.99
C3 GOL F . -19.05 16.39 -10.79
O3 GOL F . -19.01 16.01 -9.44
C1 GOL G . 26.18 5.97 1.56
O1 GOL G . 25.33 6.89 2.21
C2 GOL G . 27.57 6.04 2.19
O2 GOL G . 27.54 5.46 3.46
C3 GOL G . 28.56 5.30 1.30
O3 GOL G . 29.49 6.21 0.79
C1 GOL H . 28.72 6.07 -6.60
O1 GOL H . 28.95 6.51 -7.94
C2 GOL H . 29.98 6.08 -5.78
O2 GOL H . 30.59 4.79 -5.74
C3 GOL H . 29.80 6.60 -4.37
O3 GOL H . 29.03 5.71 -3.59
#